data_6U37
#
_entry.id   6U37
#
_cell.length_a   124.363
_cell.length_b   124.363
_cell.length_c   129.147
_cell.angle_alpha   90.00
_cell.angle_beta   90.00
_cell.angle_gamma   120.00
#
_symmetry.space_group_name_H-M   'P 31'
#
loop_
_entity.id
_entity.type
_entity.pdbx_description
1 polymer Acetylcholinesterase
2 non-polymer 'O-ETHYLMETHYLPHOSPHONIC ACID ESTER GROUP'
3 non-polymer (2E)-N-[2-(azepan-1-yl)ethyl]-2-(hydroxyimino)acetamide
4 non-polymer GLYCEROL
5 non-polymer 'NITRATE ION'
6 water water
#
_entity_poly.entity_id   1
_entity_poly.type   'polypeptide(L)'
_entity_poly.pdbx_seq_one_letter_code
;GPLEGREDAELLVTVRGGRLRGIRLKTPGGPVSAFLGIPFAEPPMGPRRFLPPEPKQPWSGVVDATTFQSVCYQYVDTLY
PGFEGTEMWNPNRELSEDCLYLNVWTPYPRPTSPTPVLVWIYGGGFYSGASSLDVYDGRFLVQAERTVLVSMNYRVGAFG
FLALPGSREAPGNVGLLDQRLALQWVQENVAAFGGDPTSVTLFGESAGAASVGMHLLSPPSRGLFHRAVLQSGAPNGPWA
TVGMGEARRRATQLAHLVGCPPGGTGGNDTELVACLRTRPAQVLVNHEWHVLPQESVFRFSFVPVVDGDFLSDTPEALIN
AGDFHGLQVLVGVVKDEGSYFLVYGAPGFSKDNESLISRAEFLAGVRVGVPQVSDLAAEAVVLHYTDWLHPEDPARLREA
LSDVVGDHNVVCPVAQLAGRLAAQGARVYAYVFEHRASTLSWPLWMGVPHGYEIEFIFGIPLDPSRNYTAEEKIFAQRLM
RYWANFARTGDPNEPRDPKAPQWPPYTAGAQQYVSLDLRPLEVRRGLRAQACAFWNRFLPKLLSATDTLD
;
_entity_poly.pdbx_strand_id   A,B
#
# COMPACT_ATOMS: atom_id res chain seq x y z
N GLU A 7 39.44 18.99 16.02
CA GLU A 7 39.03 17.66 16.45
C GLU A 7 37.60 17.67 16.98
N ASP A 8 37.39 16.99 18.12
CA ASP A 8 36.08 16.94 18.76
C ASP A 8 35.57 18.32 19.18
N ALA A 9 36.44 19.33 19.22
CA ALA A 9 35.98 20.68 19.54
C ALA A 9 35.14 21.27 18.41
N GLU A 10 35.40 20.86 17.17
CA GLU A 10 34.64 21.37 16.03
C GLU A 10 33.24 20.78 15.96
N LEU A 11 32.95 19.74 16.73
CA LEU A 11 31.59 19.19 16.80
C LEU A 11 30.70 19.96 17.76
N LEU A 12 31.21 21.02 18.39
CA LEU A 12 30.44 21.86 19.30
C LEU A 12 30.25 23.22 18.65
N VAL A 13 28.99 23.62 18.46
CA VAL A 13 28.65 24.87 17.80
C VAL A 13 27.51 25.54 18.55
N THR A 14 27.62 26.85 18.74
CA THR A 14 26.57 27.65 19.36
C THR A 14 25.89 28.48 18.28
N VAL A 15 24.55 28.42 18.24
CA VAL A 15 23.76 29.23 17.33
C VAL A 15 22.94 30.21 18.15
N ARG A 16 22.07 30.97 17.49
CA ARG A 16 21.28 31.97 18.19
C ARG A 16 20.31 31.32 19.18
N GLY A 17 19.82 30.12 18.87
CA GLY A 17 18.89 29.46 19.76
C GLY A 17 19.55 28.75 20.93
N GLY A 18 20.77 28.28 20.74
CA GLY A 18 21.46 27.58 21.81
C GLY A 18 22.69 26.86 21.28
N ARG A 19 23.07 25.81 21.99
CA ARG A 19 24.27 25.04 21.71
C ARG A 19 23.91 23.71 21.06
N LEU A 20 24.82 23.20 20.22
CA LEU A 20 24.60 21.97 19.48
C LEU A 20 25.86 21.12 19.51
N ARG A 21 25.66 19.81 19.51
CA ARG A 21 26.75 18.86 19.35
C ARG A 21 26.51 18.05 18.08
N GLY A 22 27.47 18.09 17.16
CA GLY A 22 27.37 17.38 15.90
C GLY A 22 28.06 16.03 15.93
N ILE A 23 28.21 15.45 14.74
CA ILE A 23 28.84 14.15 14.57
C ILE A 23 29.80 14.22 13.40
N ARG A 24 30.86 13.42 13.48
CA ARG A 24 31.85 13.34 12.40
C ARG A 24 31.48 12.21 11.45
N LEU A 25 31.37 12.53 10.17
CA LEU A 25 31.07 11.55 9.14
C LEU A 25 32.34 11.24 8.34
N LYS A 26 32.52 9.97 8.02
CA LYS A 26 33.71 9.50 7.32
C LYS A 26 33.45 9.40 5.82
N THR A 27 34.42 9.83 5.03
CA THR A 27 34.44 9.67 3.58
C THR A 27 35.80 9.12 3.19
N PRO A 28 35.89 8.49 2.01
CA PRO A 28 37.20 8.00 1.55
C PRO A 28 38.25 9.10 1.37
N GLY A 29 37.85 10.37 1.39
CA GLY A 29 38.80 11.45 1.21
C GLY A 29 39.05 12.28 2.45
N GLY A 30 38.31 11.99 3.52
CA GLY A 30 38.47 12.72 4.77
C GLY A 30 37.17 12.87 5.54
N PRO A 31 37.27 13.27 6.79
CA PRO A 31 36.07 13.42 7.62
C PRO A 31 35.30 14.69 7.31
N VAL A 32 34.05 14.71 7.77
CA VAL A 32 33.14 15.83 7.59
C VAL A 32 32.33 16.01 8.87
N SER A 33 32.19 17.27 9.31
CA SER A 33 31.38 17.59 10.47
C SER A 33 29.94 17.81 10.06
N ALA A 34 29.02 17.10 10.71
CA ALA A 34 27.60 17.16 10.39
C ALA A 34 26.80 17.50 11.62
N PHE A 35 25.75 18.31 11.46
CA PHE A 35 24.86 18.73 12.53
C PHE A 35 23.44 18.41 12.06
N LEU A 36 22.96 17.23 12.39
CA LEU A 36 21.70 16.70 11.87
C LEU A 36 20.59 16.85 12.90
N GLY A 37 19.48 17.47 12.49
CA GLY A 37 18.31 17.57 13.34
C GLY A 37 18.27 18.85 14.16
N ILE A 38 18.68 19.96 13.57
CA ILE A 38 18.64 21.25 14.25
C ILE A 38 17.22 21.81 14.16
N PRO A 39 16.56 22.04 15.29
CA PRO A 39 15.20 22.63 15.24
C PRO A 39 15.25 24.08 14.82
N PHE A 40 14.54 24.42 13.75
CA PHE A 40 14.43 25.80 13.30
C PHE A 40 13.03 26.37 13.47
N ALA A 41 12.10 25.60 14.03
CA ALA A 41 10.74 26.07 14.22
C ALA A 41 10.10 25.32 15.39
N GLU A 42 9.09 25.96 15.97
CA GLU A 42 8.29 25.28 16.98
C GLU A 42 7.52 24.13 16.33
N PRO A 43 7.35 23.01 17.02
CA PRO A 43 6.61 21.88 16.45
C PRO A 43 5.20 22.28 16.05
N PRO A 44 4.88 22.23 14.76
CA PRO A 44 3.55 22.66 14.27
C PRO A 44 2.48 21.63 14.58
N MET A 45 2.20 21.44 15.86
CA MET A 45 1.27 20.42 16.32
C MET A 45 0.09 21.08 17.04
N GLY A 46 -0.97 20.29 17.20
CA GLY A 46 -2.16 20.74 17.88
C GLY A 46 -2.83 21.89 17.15
N PRO A 47 -3.03 23.01 17.86
CA PRO A 47 -3.62 24.19 17.22
C PRO A 47 -2.73 24.81 16.16
N ARG A 48 -1.46 24.44 16.10
CA ARG A 48 -0.54 24.96 15.10
C ARG A 48 -0.64 24.24 13.76
N ARG A 49 -1.44 23.18 13.68
CA ARG A 49 -1.62 22.48 12.41
C ARG A 49 -2.26 23.42 11.39
N PHE A 50 -1.73 23.38 10.16
CA PHE A 50 -2.16 24.21 9.02
C PHE A 50 -1.77 25.67 9.18
N LEU A 51 -0.98 26.03 10.18
CA LEU A 51 -0.59 27.41 10.42
C LEU A 51 0.85 27.65 9.99
N PRO A 52 1.20 28.90 9.68
CA PRO A 52 2.57 29.19 9.31
C PRO A 52 3.52 28.87 10.45
N PRO A 53 4.78 28.58 10.15
CA PRO A 53 5.71 28.20 11.22
C PRO A 53 6.15 29.39 12.06
N GLU A 54 6.40 29.11 13.34
CA GLU A 54 6.95 30.05 14.29
C GLU A 54 8.41 29.69 14.58
N PRO A 55 9.30 30.67 14.76
CA PRO A 55 10.70 30.35 15.01
C PRO A 55 10.88 29.55 16.29
N LYS A 56 11.85 28.65 16.27
CA LYS A 56 12.16 27.83 17.43
C LYS A 56 12.67 28.72 18.57
N GLN A 57 12.00 28.64 19.71
CA GLN A 57 12.41 29.42 20.86
C GLN A 57 13.76 28.92 21.40
N PRO A 58 14.56 29.80 21.99
CA PRO A 58 15.87 29.38 22.49
C PRO A 58 15.76 28.29 23.55
N TRP A 59 16.76 27.42 23.58
CA TRP A 59 16.76 26.26 24.47
C TRP A 59 17.97 26.31 25.39
N SER A 60 17.87 25.58 26.49
CA SER A 60 18.96 25.42 27.44
C SER A 60 19.72 24.12 27.18
N GLY A 61 20.98 24.11 27.60
CA GLY A 61 21.80 22.92 27.43
C GLY A 61 22.25 22.73 25.99
N VAL A 62 22.67 21.50 25.70
CA VAL A 62 23.20 21.12 24.39
C VAL A 62 22.19 20.21 23.72
N VAL A 63 21.63 20.67 22.60
CA VAL A 63 20.75 19.85 21.79
C VAL A 63 21.60 18.86 21.00
N ASP A 64 21.22 17.58 21.06
CA ASP A 64 21.94 16.56 20.32
C ASP A 64 21.63 16.68 18.83
N ALA A 65 22.67 16.85 18.02
CA ALA A 65 22.51 16.95 16.58
C ALA A 65 23.35 15.91 15.87
N THR A 66 23.23 14.65 16.31
CA THR A 66 24.04 13.56 15.79
C THR A 66 23.26 12.61 14.89
N THR A 67 21.96 12.83 14.69
CA THR A 67 21.15 11.96 13.85
C THR A 67 20.00 12.75 13.28
N PHE A 68 19.47 12.26 12.16
CA PHE A 68 18.33 12.90 11.52
C PHE A 68 17.09 12.81 12.42
N GLN A 69 16.25 13.83 12.34
CA GLN A 69 15.03 13.88 13.12
C GLN A 69 13.90 13.17 12.38
N SER A 70 12.67 13.39 12.84
CA SER A 70 11.52 12.68 12.30
C SER A 70 11.13 13.21 10.93
N VAL A 71 10.53 12.35 10.13
CA VAL A 71 10.00 12.70 8.82
C VAL A 71 8.59 13.24 9.01
N CYS A 72 8.24 14.28 8.25
CA CYS A 72 6.88 14.81 8.31
C CYS A 72 5.88 13.77 7.82
N TYR A 73 4.68 13.80 8.39
CA TYR A 73 3.65 12.85 8.03
C TYR A 73 3.36 12.92 6.54
N GLN A 74 3.40 11.76 5.88
CA GLN A 74 3.27 11.72 4.43
C GLN A 74 2.84 10.33 3.99
N TYR A 75 2.30 10.26 2.79
CA TYR A 75 1.93 8.99 2.19
C TYR A 75 3.18 8.16 1.92
N VAL A 76 3.07 6.85 2.13
CA VAL A 76 4.15 5.90 1.91
C VAL A 76 3.84 5.09 0.67
N ASP A 77 4.77 5.06 -0.28
CA ASP A 77 4.54 4.38 -1.55
C ASP A 77 4.50 2.86 -1.33
N THR A 78 3.45 2.23 -1.86
CA THR A 78 3.27 0.79 -1.74
C THR A 78 3.04 0.11 -3.09
N LEU A 79 3.45 0.75 -4.18
CA LEU A 79 3.22 0.18 -5.51
C LEU A 79 4.04 -1.08 -5.71
N TYR A 80 5.30 -1.07 -5.28
CA TYR A 80 6.20 -2.22 -5.40
C TYR A 80 6.88 -2.45 -4.06
N PRO A 81 6.23 -3.18 -3.15
CA PRO A 81 6.84 -3.47 -1.85
C PRO A 81 8.15 -4.24 -2.01
N GLY A 82 9.16 -3.84 -1.22
CA GLY A 82 10.46 -4.46 -1.28
C GLY A 82 11.35 -4.01 -2.41
N PHE A 83 10.86 -3.14 -3.29
CA PHE A 83 11.63 -2.69 -4.45
C PHE A 83 12.49 -1.49 -4.07
N GLU A 84 13.76 -1.54 -4.45
CA GLU A 84 14.69 -0.46 -4.11
C GLU A 84 14.32 0.83 -4.83
N GLY A 85 13.85 0.73 -6.08
CA GLY A 85 13.59 1.92 -6.87
C GLY A 85 12.53 2.83 -6.27
N THR A 86 11.57 2.26 -5.54
CA THR A 86 10.52 3.04 -4.90
C THR A 86 10.79 3.33 -3.43
N GLU A 87 11.30 2.35 -2.69
CA GLU A 87 11.50 2.52 -1.26
C GLU A 87 12.70 3.37 -0.91
N MET A 88 13.56 3.71 -1.87
CA MET A 88 14.64 4.65 -1.60
C MET A 88 14.12 6.06 -1.35
N TRP A 89 12.87 6.33 -1.72
CA TRP A 89 12.25 7.63 -1.48
C TRP A 89 11.30 7.61 -0.28
N ASN A 90 10.96 6.43 0.24
CA ASN A 90 10.08 6.34 1.39
C ASN A 90 10.78 6.84 2.65
N PRO A 91 10.01 7.23 3.67
CA PRO A 91 10.63 7.75 4.90
C PRO A 91 11.52 6.69 5.56
N ASN A 92 12.70 7.12 5.97
CA ASN A 92 13.64 6.27 6.70
C ASN A 92 13.72 6.63 8.18
N ARG A 93 12.83 7.51 8.65
CA ARG A 93 12.67 7.81 10.06
C ARG A 93 11.18 7.75 10.41
N GLU A 94 10.88 7.82 11.70
CA GLU A 94 9.48 7.76 12.12
C GLU A 94 8.73 9.02 11.68
N LEU A 95 7.45 8.84 11.38
CA LEU A 95 6.60 9.95 10.99
C LEU A 95 6.12 10.73 12.21
N SER A 96 6.06 12.04 12.08
CA SER A 96 5.64 12.92 13.16
C SER A 96 5.37 14.30 12.60
N GLU A 97 4.38 14.98 13.19
CA GLU A 97 4.17 16.38 12.87
C GLU A 97 5.29 17.25 13.43
N ASP A 98 5.99 16.79 14.46
CA ASP A 98 7.18 17.45 14.98
C ASP A 98 8.34 17.05 14.08
N CYS A 99 8.46 17.76 12.96
CA CYS A 99 9.45 17.41 11.94
C CYS A 99 10.24 18.59 11.40
N LEU A 100 9.99 19.81 11.86
CA LEU A 100 10.64 20.99 11.30
C LEU A 100 12.06 21.09 11.86
N TYR A 101 12.96 20.33 11.23
CA TYR A 101 14.36 20.31 11.59
C TYR A 101 15.20 20.40 10.33
N LEU A 102 16.40 20.98 10.45
CA LEU A 102 17.32 21.11 9.33
C LEU A 102 18.66 20.49 9.69
N ASN A 103 19.48 20.32 8.66
CA ASN A 103 20.79 19.69 8.80
C ASN A 103 21.85 20.58 8.16
N VAL A 104 23.07 20.52 8.71
CA VAL A 104 24.19 21.32 8.23
C VAL A 104 25.41 20.41 8.13
N TRP A 105 25.97 20.31 6.92
CA TRP A 105 27.25 19.66 6.70
C TRP A 105 28.31 20.72 6.46
N THR A 106 29.43 20.61 7.19
CA THR A 106 30.53 21.55 7.04
C THR A 106 31.83 20.77 6.96
N PRO A 107 32.79 21.25 6.16
CA PRO A 107 34.04 20.49 5.98
C PRO A 107 34.87 20.47 7.25
N TYR A 108 35.74 19.46 7.32
CA TYR A 108 36.75 19.40 8.36
C TYR A 108 38.13 19.52 7.76
N PRO A 109 38.99 20.44 8.25
CA PRO A 109 38.67 21.37 9.33
C PRO A 109 37.67 22.45 8.93
N ARG A 110 36.96 23.00 9.91
CA ARG A 110 35.95 24.00 9.62
C ARG A 110 36.57 25.17 8.86
N PRO A 111 35.93 25.66 7.80
CA PRO A 111 36.51 26.78 7.05
C PRO A 111 36.66 28.02 7.90
N THR A 112 37.85 28.61 7.85
CA THR A 112 38.11 29.84 8.61
C THR A 112 37.57 31.07 7.89
N SER A 113 37.45 31.01 6.56
CA SER A 113 36.92 32.05 5.70
C SER A 113 35.48 31.74 5.31
N PRO A 114 34.68 32.77 5.02
CA PRO A 114 33.29 32.52 4.60
C PRO A 114 33.25 31.68 3.32
N THR A 115 32.47 30.59 3.37
CA THR A 115 32.35 29.61 2.31
C THR A 115 30.96 29.64 1.70
N PRO A 116 30.84 29.57 0.37
CA PRO A 116 29.51 29.52 -0.25
C PRO A 116 28.68 28.36 0.28
N VAL A 117 27.38 28.60 0.41
CA VAL A 117 26.45 27.67 1.05
C VAL A 117 25.49 27.12 -0.01
N LEU A 118 25.34 25.80 -0.03
CA LEU A 118 24.33 25.13 -0.84
C LEU A 118 23.17 24.70 0.04
N VAL A 119 21.95 24.97 -0.41
CA VAL A 119 20.75 24.63 0.36
C VAL A 119 19.88 23.72 -0.51
N TRP A 120 19.65 22.51 -0.02
CA TRP A 120 18.91 21.49 -0.75
C TRP A 120 17.45 21.47 -0.31
N ILE A 121 16.55 21.41 -1.30
CA ILE A 121 15.12 21.30 -1.06
C ILE A 121 14.65 20.04 -1.80
N TYR A 122 14.28 19.01 -1.04
CA TYR A 122 13.93 17.74 -1.66
C TYR A 122 12.59 17.85 -2.40
N GLY A 123 12.42 16.93 -3.35
CA GLY A 123 11.17 16.81 -4.09
C GLY A 123 10.25 15.76 -3.49
N GLY A 124 9.23 15.41 -4.27
CA GLY A 124 8.25 14.44 -3.83
C GLY A 124 6.82 14.89 -4.07
N GLY A 125 6.63 15.67 -5.13
CA GLY A 125 5.29 16.11 -5.51
C GLY A 125 4.54 16.88 -4.46
N PHE A 126 5.25 17.51 -3.52
CA PHE A 126 4.70 18.25 -2.39
C PHE A 126 3.85 17.36 -1.47
N TYR A 127 3.93 16.04 -1.62
CA TYR A 127 3.21 15.12 -0.76
C TYR A 127 4.12 14.18 0.03
N SER A 128 5.41 14.12 -0.31
CA SER A 128 6.33 13.21 0.36
C SER A 128 7.72 13.81 0.32
N GLY A 129 8.68 13.07 0.84
CA GLY A 129 10.07 13.49 0.83
C GLY A 129 10.59 13.75 2.24
N ALA A 130 11.91 13.71 2.36
CA ALA A 130 12.59 13.94 3.63
C ALA A 130 14.06 14.22 3.37
N SER A 131 14.64 15.06 4.21
CA SER A 131 16.06 15.39 4.09
C SER A 131 16.97 14.29 4.62
N SER A 132 16.41 13.25 5.22
CA SER A 132 17.18 12.17 5.83
C SER A 132 17.46 11.03 4.87
N LEU A 133 16.97 11.10 3.64
CA LEU A 133 17.16 10.01 2.69
C LEU A 133 18.63 9.79 2.39
N ASP A 134 18.99 8.52 2.14
CA ASP A 134 20.39 8.18 1.88
C ASP A 134 20.92 8.86 0.63
N VAL A 135 20.07 9.05 -0.38
CA VAL A 135 20.51 9.67 -1.63
C VAL A 135 20.77 11.16 -1.47
N TYR A 136 20.37 11.76 -0.35
CA TYR A 136 20.65 13.17 -0.08
C TYR A 136 21.84 13.34 0.87
N ASP A 137 22.61 12.29 1.11
CA ASP A 137 23.76 12.36 2.02
C ASP A 137 24.80 13.34 1.48
N GLY A 138 25.00 14.45 2.20
CA GLY A 138 25.85 15.51 1.72
C GLY A 138 27.29 15.44 2.17
N ARG A 139 27.74 14.27 2.64
CA ARG A 139 29.10 14.15 3.14
C ARG A 139 30.12 14.14 2.01
N PHE A 140 29.73 13.67 0.83
CA PHE A 140 30.68 13.59 -0.28
C PHE A 140 30.81 14.92 -1.02
N LEU A 141 29.70 15.64 -1.18
CA LEU A 141 29.76 16.94 -1.83
C LEU A 141 30.52 17.95 -0.98
N VAL A 142 30.37 17.87 0.35
CA VAL A 142 31.04 18.82 1.24
C VAL A 142 32.54 18.51 1.32
N GLN A 143 32.90 17.23 1.33
CA GLN A 143 34.32 16.87 1.42
C GLN A 143 35.05 17.21 0.13
N ALA A 144 34.49 16.84 -1.02
CA ALA A 144 35.22 16.98 -2.28
C ALA A 144 35.33 18.43 -2.71
N GLU A 145 34.39 19.29 -2.32
CA GLU A 145 34.35 20.66 -2.79
C GLU A 145 34.46 21.70 -1.69
N ARG A 146 34.55 21.27 -0.43
CA ARG A 146 34.76 22.16 0.71
C ARG A 146 33.73 23.28 0.77
N THR A 147 32.48 22.92 0.49
CA THR A 147 31.35 23.83 0.59
C THR A 147 30.49 23.46 1.80
N VAL A 148 29.64 24.40 2.19
CA VAL A 148 28.69 24.19 3.28
C VAL A 148 27.34 23.82 2.68
N LEU A 149 26.77 22.70 3.13
CA LEU A 149 25.50 22.20 2.62
C LEU A 149 24.46 22.20 3.73
N VAL A 150 23.29 22.75 3.44
CA VAL A 150 22.16 22.79 4.36
C VAL A 150 20.96 22.15 3.68
N SER A 151 20.19 21.38 4.45
CA SER A 151 18.95 20.80 3.97
C SER A 151 17.94 20.79 5.10
N MET A 152 16.67 21.06 4.77
CA MET A 152 15.63 21.18 5.78
C MET A 152 14.46 20.27 5.43
N ASN A 153 13.68 19.96 6.45
CA ASN A 153 12.39 19.31 6.28
C ASN A 153 11.30 20.37 6.21
N TYR A 154 10.32 20.14 5.34
CA TYR A 154 9.16 21.02 5.26
C TYR A 154 7.91 20.17 5.18
N ARG A 155 6.81 20.71 5.72
CA ARG A 155 5.56 19.98 5.74
C ARG A 155 5.06 19.73 4.33
N VAL A 156 4.59 18.50 4.09
CA VAL A 156 4.08 18.09 2.79
C VAL A 156 2.63 17.66 2.96
N GLY A 157 1.97 17.41 1.82
CA GLY A 157 0.59 16.96 1.83
C GLY A 157 -0.33 18.00 2.43
N ALA A 158 -1.38 17.52 3.09
CA ALA A 158 -2.35 18.42 3.70
C ALA A 158 -1.74 19.27 4.80
N PHE A 159 -0.77 18.71 5.54
CA PHE A 159 -0.15 19.46 6.63
C PHE A 159 0.64 20.65 6.13
N GLY A 160 1.03 20.67 4.87
CA GLY A 160 1.82 21.77 4.35
C GLY A 160 1.11 22.61 3.30
N PHE A 161 0.06 22.06 2.67
CA PHE A 161 -0.53 22.76 1.54
C PHE A 161 -2.05 22.64 1.46
N LEU A 162 -2.73 22.13 2.49
CA LEU A 162 -4.18 22.24 2.53
C LEU A 162 -4.55 23.70 2.74
N ALA A 163 -5.39 24.23 1.84
CA ALA A 163 -5.67 25.66 1.79
C ALA A 163 -7.16 25.90 1.70
N LEU A 164 -7.71 26.60 2.70
CA LEU A 164 -9.01 27.25 2.58
C LEU A 164 -8.74 28.73 2.31
N PRO A 165 -8.70 29.14 1.05
CA PRO A 165 -8.20 30.49 0.73
C PRO A 165 -9.02 31.58 1.40
N GLY A 166 -8.31 32.57 1.95
CA GLY A 166 -8.90 33.68 2.65
C GLY A 166 -8.94 33.52 4.16
N SER A 167 -9.08 32.29 4.65
CA SER A 167 -9.18 32.06 6.08
C SER A 167 -7.82 32.19 6.75
N ARG A 168 -7.84 32.36 8.07
CA ARG A 168 -6.63 32.44 8.86
C ARG A 168 -6.23 31.11 9.49
N GLU A 169 -7.14 30.14 9.53
CA GLU A 169 -6.84 28.84 10.12
C GLU A 169 -6.10 27.92 9.16
N ALA A 170 -6.26 28.11 7.85
CA ALA A 170 -5.58 27.29 6.85
C ALA A 170 -5.34 28.13 5.61
N PRO A 171 -4.33 29.01 5.65
CA PRO A 171 -4.09 29.90 4.51
C PRO A 171 -3.39 29.22 3.34
N GLY A 172 -2.78 28.06 3.55
CA GLY A 172 -2.04 27.38 2.51
C GLY A 172 -0.60 27.87 2.39
N ASN A 173 0.17 27.11 1.61
CA ASN A 173 1.57 27.41 1.32
C ASN A 173 2.44 27.44 2.57
N VAL A 174 1.97 26.87 3.68
CA VAL A 174 2.77 26.87 4.91
C VAL A 174 4.01 25.99 4.75
N GLY A 175 3.97 25.01 3.84
CA GLY A 175 5.16 24.23 3.57
C GLY A 175 6.25 25.07 2.92
N LEU A 176 5.86 25.99 2.03
CA LEU A 176 6.82 26.93 1.47
C LEU A 176 7.34 27.89 2.55
N LEU A 177 6.51 28.24 3.52
CA LEU A 177 6.96 29.10 4.61
C LEU A 177 7.93 28.37 5.53
N ASP A 178 7.80 27.04 5.64
CA ASP A 178 8.81 26.27 6.38
C ASP A 178 10.16 26.38 5.72
N GLN A 179 10.20 26.29 4.38
CA GLN A 179 11.46 26.46 3.66
C GLN A 179 12.01 27.86 3.82
N ARG A 180 11.14 28.87 3.76
CA ARG A 180 11.58 30.25 3.93
C ARG A 180 12.18 30.47 5.32
N LEU A 181 11.51 29.94 6.36
CA LEU A 181 12.04 30.07 7.71
C LEU A 181 13.40 29.40 7.84
N ALA A 182 13.59 28.27 7.15
CA ALA A 182 14.90 27.63 7.15
C ALA A 182 15.94 28.48 6.42
N LEU A 183 15.51 29.25 5.43
CA LEU A 183 16.44 30.17 4.76
C LEU A 183 16.79 31.34 5.66
N GLN A 184 15.81 31.87 6.39
CA GLN A 184 16.09 32.89 7.38
C GLN A 184 17.02 32.36 8.47
N TRP A 185 16.89 31.08 8.82
CA TRP A 185 17.79 30.47 9.79
C TRP A 185 19.22 30.42 9.24
N VAL A 186 19.37 30.14 7.94
CA VAL A 186 20.69 30.11 7.34
C VAL A 186 21.32 31.50 7.35
N GLN A 187 20.54 32.54 7.07
CA GLN A 187 21.08 33.89 7.07
C GLN A 187 21.57 34.30 8.45
N GLU A 188 20.96 33.76 9.51
CA GLU A 188 21.28 34.16 10.87
C GLU A 188 22.27 33.25 11.57
N ASN A 189 22.53 32.05 11.04
CA ASN A 189 23.35 31.09 11.78
C ASN A 189 24.37 30.33 10.95
N VAL A 190 24.36 30.42 9.61
CA VAL A 190 25.29 29.62 8.82
C VAL A 190 26.73 30.10 8.98
N ALA A 191 26.93 31.32 9.49
CA ALA A 191 28.29 31.80 9.72
C ALA A 191 28.98 31.03 10.84
N ALA A 192 28.21 30.53 11.81
CA ALA A 192 28.79 29.75 12.90
C ALA A 192 29.40 28.44 12.41
N PHE A 193 28.99 27.96 11.24
CA PHE A 193 29.53 26.74 10.66
C PHE A 193 30.60 27.02 9.60
N GLY A 194 30.95 28.28 9.38
CA GLY A 194 31.92 28.63 8.37
C GLY A 194 31.33 28.97 7.01
N GLY A 195 30.03 29.22 6.94
CA GLY A 195 29.36 29.51 5.69
C GLY A 195 29.12 30.99 5.47
N ASP A 196 29.05 31.37 4.19
CA ASP A 196 28.84 32.77 3.82
C ASP A 196 27.35 33.00 3.61
N PRO A 197 26.69 33.82 4.44
CA PRO A 197 25.27 34.13 4.19
C PRO A 197 25.05 35.04 2.99
N THR A 198 26.10 35.57 2.37
CA THR A 198 25.97 36.38 1.17
C THR A 198 26.18 35.60 -0.11
N SER A 199 26.43 34.29 -0.01
CA SER A 199 26.61 33.42 -1.18
C SER A 199 25.86 32.11 -0.90
N VAL A 200 24.53 32.17 -1.01
CA VAL A 200 23.66 31.04 -0.75
C VAL A 200 23.02 30.62 -2.06
N THR A 201 23.20 29.36 -2.44
CA THR A 201 22.68 28.82 -3.69
C THR A 201 21.64 27.75 -3.39
N LEU A 202 20.40 27.98 -3.81
CA LEU A 202 19.34 26.99 -3.66
C LEU A 202 19.41 25.99 -4.82
N PHE A 203 19.28 24.70 -4.49
CA PHE A 203 19.15 23.68 -5.51
C PHE A 203 18.19 22.61 -5.03
N GLY A 204 17.26 22.20 -5.89
CA GLY A 204 16.26 21.21 -5.57
C GLY A 204 15.86 20.44 -6.81
N GLU A 205 15.00 19.46 -6.62
CA GLU A 205 14.59 18.56 -7.69
C GLU A 205 13.10 18.30 -7.62
N SER A 206 12.46 18.22 -8.78
CA SER A 206 11.02 17.94 -8.91
C SER A 206 10.26 19.01 -8.15
N ALA A 207 9.50 18.66 -7.10
CA ALA A 207 8.80 19.68 -6.32
C ALA A 207 9.79 20.59 -5.60
N GLY A 208 11.00 20.10 -5.33
CA GLY A 208 12.02 20.97 -4.78
C GLY A 208 12.47 22.03 -5.76
N ALA A 209 12.64 21.65 -7.03
CA ALA A 209 12.96 22.64 -8.06
C ALA A 209 11.83 23.64 -8.23
N ALA A 210 10.58 23.18 -8.21
CA ALA A 210 9.45 24.08 -8.25
C ALA A 210 9.44 25.01 -7.04
N SER A 211 9.83 24.49 -5.87
CA SER A 211 9.94 25.33 -4.68
C SER A 211 11.01 26.39 -4.84
N VAL A 212 12.15 26.02 -5.42
CA VAL A 212 13.22 26.99 -5.67
C VAL A 212 12.71 28.09 -6.60
N GLY A 213 11.92 27.73 -7.60
CA GLY A 213 11.40 28.72 -8.51
C GLY A 213 10.39 29.64 -7.86
N MET A 214 9.58 29.12 -6.93
CA MET A 214 8.59 29.96 -6.25
C MET A 214 9.25 30.92 -5.28
N HIS A 215 10.42 30.57 -4.74
CA HIS A 215 11.16 31.52 -3.91
C HIS A 215 11.77 32.62 -4.75
N LEU A 216 12.09 32.33 -6.02
CA LEU A 216 12.53 33.38 -6.94
C LEU A 216 11.41 34.38 -7.20
N LEU A 217 10.17 33.92 -7.25
CA LEU A 217 9.02 34.77 -7.57
C LEU A 217 8.36 35.37 -6.33
N SER A 218 8.88 35.09 -5.14
CA SER A 218 8.34 35.66 -3.91
C SER A 218 9.33 36.67 -3.35
N PRO A 219 8.97 37.94 -3.26
CA PRO A 219 9.92 38.97 -2.79
C PRO A 219 10.48 38.67 -1.41
N PRO A 220 9.66 38.29 -0.42
CA PRO A 220 10.25 38.03 0.91
C PRO A 220 11.27 36.91 0.93
N SER A 221 11.20 35.97 -0.01
CA SER A 221 12.16 34.88 -0.08
C SER A 221 13.36 35.21 -0.97
N ARG A 222 13.17 36.08 -1.96
CA ARG A 222 14.24 36.35 -2.92
C ARG A 222 15.46 36.98 -2.25
N GLY A 223 15.25 37.75 -1.19
CA GLY A 223 16.37 38.36 -0.49
C GLY A 223 17.18 37.43 0.38
N LEU A 224 16.78 36.16 0.47
CA LEU A 224 17.46 35.20 1.33
C LEU A 224 18.46 34.32 0.59
N PHE A 225 18.52 34.42 -0.73
CA PHE A 225 19.47 33.63 -1.52
C PHE A 225 19.90 34.44 -2.73
N HIS A 226 20.88 33.91 -3.46
CA HIS A 226 21.50 34.64 -4.56
C HIS A 226 21.65 33.83 -5.84
N ARG A 227 21.57 32.50 -5.78
CA ARG A 227 21.63 31.65 -6.96
C ARG A 227 20.57 30.56 -6.84
N ALA A 228 20.21 29.98 -7.97
CA ALA A 228 19.16 28.96 -8.01
C ALA A 228 19.54 27.87 -8.99
N VAL A 229 19.25 26.63 -8.60
CA VAL A 229 19.42 25.46 -9.46
C VAL A 229 18.11 24.68 -9.44
N LEU A 230 17.53 24.44 -10.61
CA LEU A 230 16.26 23.75 -10.74
C LEU A 230 16.48 22.49 -11.56
N GLN A 231 16.43 21.33 -10.89
CA GLN A 231 16.66 20.04 -11.52
C GLN A 231 15.31 19.37 -11.76
N SER A 232 14.93 19.24 -13.03
CA SER A 232 13.74 18.50 -13.43
C SER A 232 12.48 19.02 -12.73
N GLY A 233 12.29 20.33 -12.80
CA GLY A 233 11.13 20.94 -12.17
C GLY A 233 11.12 22.43 -12.39
N ALA A 234 9.92 23.00 -12.29
CA ALA A 234 9.72 24.43 -12.49
C ALA A 234 8.43 24.82 -11.80
N PRO A 235 8.32 26.08 -11.34
CA PRO A 235 7.07 26.50 -10.67
C PRO A 235 5.89 26.68 -11.59
N ASN A 236 6.11 26.76 -12.91
CA ASN A 236 5.04 27.00 -13.86
C ASN A 236 4.45 25.72 -14.43
N GLY A 237 4.84 24.56 -13.91
CA GLY A 237 4.32 23.30 -14.38
C GLY A 237 2.83 23.16 -14.10
N PRO A 238 2.15 22.29 -14.86
CA PRO A 238 0.71 22.08 -14.65
C PRO A 238 0.39 21.35 -13.35
N TRP A 239 1.40 20.91 -12.60
CA TRP A 239 1.20 20.17 -11.36
C TRP A 239 1.66 20.92 -10.12
N ALA A 240 2.46 21.97 -10.28
CA ALA A 240 3.08 22.63 -9.14
C ALA A 240 2.16 23.58 -8.40
N THR A 241 1.11 24.08 -9.04
CA THR A 241 0.21 25.03 -8.42
C THR A 241 -1.23 24.60 -8.63
N VAL A 242 -2.13 25.25 -7.90
CA VAL A 242 -3.56 24.97 -7.98
C VAL A 242 -4.32 26.26 -7.70
N GLY A 243 -5.51 26.37 -8.28
CA GLY A 243 -6.33 27.55 -8.09
C GLY A 243 -7.00 27.59 -6.73
N MET A 244 -7.51 28.77 -6.39
CA MET A 244 -8.17 28.94 -5.10
C MET A 244 -9.44 28.11 -5.00
N GLY A 245 -10.22 28.08 -6.07
CA GLY A 245 -11.46 27.30 -6.05
C GLY A 245 -11.22 25.81 -5.94
N GLU A 246 -10.23 25.30 -6.69
CA GLU A 246 -9.94 23.87 -6.64
C GLU A 246 -9.30 23.48 -5.32
N ALA A 247 -8.47 24.36 -4.74
CA ALA A 247 -7.88 24.07 -3.45
C ALA A 247 -8.93 24.02 -2.35
N ARG A 248 -9.98 24.83 -2.46
CA ARG A 248 -11.06 24.77 -1.47
C ARG A 248 -11.88 23.50 -1.62
N ARG A 249 -12.08 23.04 -2.85
CA ARG A 249 -12.84 21.82 -3.07
C ARG A 249 -12.09 20.60 -2.52
N ARG A 250 -10.77 20.55 -2.72
CA ARG A 250 -9.99 19.43 -2.23
C ARG A 250 -9.92 19.42 -0.70
N ALA A 251 -9.78 20.59 -0.09
CA ALA A 251 -9.77 20.67 1.37
C ALA A 251 -11.11 20.27 1.96
N THR A 252 -12.20 20.63 1.29
CA THR A 252 -13.53 20.25 1.77
C THR A 252 -13.79 18.77 1.56
N GLN A 253 -13.30 18.21 0.45
CA GLN A 253 -13.49 16.78 0.20
C GLN A 253 -12.70 15.94 1.19
N LEU A 254 -11.48 16.36 1.52
CA LEU A 254 -10.71 15.65 2.54
C LEU A 254 -11.41 15.71 3.89
N ALA A 255 -11.99 16.86 4.23
CA ALA A 255 -12.73 16.98 5.48
C ALA A 255 -13.94 16.05 5.49
N HIS A 256 -14.65 15.95 4.36
CA HIS A 256 -15.80 15.05 4.29
C HIS A 256 -15.39 13.60 4.46
N LEU A 257 -14.23 13.22 3.90
CA LEU A 257 -13.78 11.84 3.98
C LEU A 257 -13.38 11.44 5.40
N VAL A 258 -13.07 12.40 6.27
CA VAL A 258 -12.69 12.10 7.64
C VAL A 258 -13.80 12.52 8.62
N GLY A 259 -15.01 12.76 8.11
CA GLY A 259 -16.13 13.07 8.97
C GLY A 259 -16.21 14.51 9.44
N CYS A 260 -15.72 15.46 8.64
CA CYS A 260 -15.77 16.86 8.98
C CYS A 260 -16.58 17.62 7.94
N PRO A 261 -17.58 18.42 8.35
CA PRO A 261 -17.98 18.59 9.75
C PRO A 261 -18.90 17.46 10.22
N PRO A 262 -18.97 17.25 11.54
CA PRO A 262 -19.87 16.22 12.07
C PRO A 262 -21.32 16.52 11.70
N GLY A 263 -21.94 15.61 10.96
CA GLY A 263 -23.31 15.77 10.53
C GLY A 263 -24.30 15.83 11.68
N GLY A 264 -25.09 16.89 11.73
CA GLY A 264 -25.02 17.96 10.76
C GLY A 264 -24.82 19.33 11.38
N THR A 265 -23.58 19.78 11.42
CA THR A 265 -23.21 21.06 12.00
C THR A 265 -22.72 22.01 10.90
N GLY A 266 -22.42 23.24 11.31
CA GLY A 266 -21.98 24.25 10.36
C GLY A 266 -20.67 23.89 9.69
N GLY A 267 -20.43 24.53 8.55
CA GLY A 267 -19.27 24.20 7.75
C GLY A 267 -18.43 25.38 7.31
N ASN A 268 -18.46 26.49 8.04
CA ASN A 268 -17.59 27.59 7.72
C ASN A 268 -16.13 27.19 7.95
N ASP A 269 -15.21 27.99 7.41
CA ASP A 269 -13.80 27.61 7.40
C ASP A 269 -13.25 27.41 8.81
N THR A 270 -13.79 28.13 9.80
CA THR A 270 -13.30 27.98 11.16
C THR A 270 -13.70 26.63 11.74
N GLU A 271 -14.97 26.25 11.58
CA GLU A 271 -15.43 24.97 12.11
C GLU A 271 -14.83 23.80 11.33
N LEU A 272 -14.50 24.00 10.06
CA LEU A 272 -13.96 22.91 9.26
C LEU A 272 -12.52 22.59 9.66
N VAL A 273 -11.69 23.62 9.83
CA VAL A 273 -10.30 23.41 10.24
C VAL A 273 -10.24 22.91 11.67
N ALA A 274 -11.14 23.41 12.54
CA ALA A 274 -11.17 22.94 13.92
C ALA A 274 -11.46 21.44 13.99
N CYS A 275 -12.35 20.95 13.12
CA CYS A 275 -12.61 19.52 13.06
C CYS A 275 -11.42 18.76 12.48
N LEU A 276 -10.70 19.36 11.53
CA LEU A 276 -9.54 18.69 10.94
C LEU A 276 -8.38 18.60 11.94
N ARG A 277 -8.26 19.57 12.85
CA ARG A 277 -7.17 19.56 13.81
C ARG A 277 -7.37 18.51 14.90
N THR A 278 -8.59 17.99 15.07
CA THR A 278 -8.84 16.94 16.05
C THR A 278 -8.57 15.54 15.50
N ARG A 279 -8.44 15.40 14.19
CA ARG A 279 -8.21 14.09 13.58
C ARG A 279 -6.73 13.71 13.71
N PRO A 280 -6.44 12.42 13.96
CA PRO A 280 -5.05 11.98 13.97
C PRO A 280 -4.40 12.22 12.61
N ALA A 281 -3.09 12.44 12.63
CA ALA A 281 -2.37 12.78 11.41
C ALA A 281 -2.46 11.67 10.38
N GLN A 282 -2.40 10.41 10.83
CA GLN A 282 -2.45 9.28 9.90
C GLN A 282 -3.80 9.19 9.20
N VAL A 283 -4.88 9.64 9.87
CA VAL A 283 -6.21 9.58 9.27
C VAL A 283 -6.28 10.50 8.05
N LEU A 284 -5.70 11.71 8.15
CA LEU A 284 -5.71 12.62 7.02
C LEU A 284 -4.88 12.09 5.87
N VAL A 285 -3.77 11.40 6.18
CA VAL A 285 -2.91 10.85 5.13
C VAL A 285 -3.63 9.74 4.38
N ASN A 286 -4.42 8.93 5.09
CA ASN A 286 -5.07 7.78 4.48
C ASN A 286 -6.14 8.13 3.46
N HIS A 287 -6.52 9.41 3.36
CA HIS A 287 -7.54 9.84 2.40
C HIS A 287 -7.02 10.93 1.47
N GLU A 288 -5.70 11.06 1.34
CA GLU A 288 -5.13 12.15 0.55
C GLU A 288 -5.34 11.93 -0.94
N TRP A 289 -5.11 10.70 -1.42
CA TRP A 289 -5.21 10.43 -2.85
C TRP A 289 -6.64 10.35 -3.34
N HIS A 290 -7.61 10.17 -2.45
CA HIS A 290 -9.02 10.13 -2.83
C HIS A 290 -9.61 11.52 -2.96
N VAL A 291 -8.77 12.52 -3.21
CA VAL A 291 -9.22 13.90 -3.36
C VAL A 291 -9.02 14.43 -4.78
N LEU A 292 -8.10 13.88 -5.55
CA LEU A 292 -7.85 14.33 -6.91
C LEU A 292 -9.11 14.20 -7.75
N PRO A 293 -9.31 15.09 -8.72
CA PRO A 293 -10.55 15.07 -9.52
C PRO A 293 -10.65 13.83 -10.41
N GLN A 294 -9.65 13.58 -11.25
CA GLN A 294 -9.70 12.48 -12.20
C GLN A 294 -8.50 11.56 -12.02
N GLU A 295 -8.61 10.37 -12.61
CA GLU A 295 -7.47 9.45 -12.68
C GLU A 295 -6.37 10.07 -13.53
N SER A 296 -5.15 10.08 -13.01
CA SER A 296 -4.06 10.76 -13.69
C SER A 296 -2.73 10.29 -13.11
N VAL A 297 -1.66 10.68 -13.80
CA VAL A 297 -0.30 10.57 -13.29
C VAL A 297 0.30 11.97 -13.27
N PHE A 298 1.31 12.15 -12.42
CA PHE A 298 1.99 13.44 -12.26
C PHE A 298 1.03 14.53 -11.80
N ARG A 299 0.07 14.16 -10.95
CA ARG A 299 -0.86 15.09 -10.35
C ARG A 299 -0.94 14.80 -8.86
N PHE A 300 -1.00 15.87 -8.05
CA PHE A 300 -0.91 15.76 -6.61
C PHE A 300 -2.00 16.59 -5.95
N SER A 301 -2.44 16.12 -4.77
CA SER A 301 -3.64 16.67 -4.16
C SER A 301 -3.40 18.07 -3.60
N PHE A 302 -2.43 18.20 -2.69
CA PHE A 302 -2.19 19.46 -1.99
C PHE A 302 -0.85 20.03 -2.43
N VAL A 303 -0.91 21.07 -3.25
CA VAL A 303 0.27 21.72 -3.82
C VAL A 303 0.18 23.20 -3.49
N PRO A 304 1.22 24.00 -3.74
CA PRO A 304 1.11 25.46 -3.51
C PRO A 304 -0.09 26.05 -4.23
N VAL A 305 -0.73 27.01 -3.57
CA VAL A 305 -1.97 27.63 -4.06
C VAL A 305 -1.65 29.06 -4.48
N VAL A 306 -2.30 29.50 -5.57
CA VAL A 306 -2.16 30.88 -6.05
C VAL A 306 -3.18 31.70 -5.27
N ASP A 307 -2.74 32.26 -4.15
CA ASP A 307 -3.62 32.95 -3.23
C ASP A 307 -3.46 34.48 -3.24
N GLY A 308 -2.42 35.00 -3.89
CA GLY A 308 -2.13 36.42 -3.81
C GLY A 308 -1.23 36.81 -2.66
N ASP A 309 -0.85 35.86 -1.80
CA ASP A 309 0.03 36.14 -0.68
C ASP A 309 1.47 35.76 -1.01
N PHE A 310 1.81 34.49 -0.85
CA PHE A 310 3.14 34.01 -1.22
C PHE A 310 3.39 34.21 -2.71
N LEU A 311 2.36 34.01 -3.53
CA LEU A 311 2.42 34.22 -4.97
C LEU A 311 1.36 35.25 -5.32
N SER A 312 1.79 36.49 -5.56
CA SER A 312 0.84 37.55 -5.88
C SER A 312 0.08 37.28 -7.17
N ASP A 313 0.61 36.44 -8.04
CA ASP A 313 -0.07 36.05 -9.27
C ASP A 313 0.38 34.63 -9.61
N THR A 314 -0.10 34.12 -10.74
CA THR A 314 0.31 32.81 -11.19
C THR A 314 1.81 32.81 -11.48
N PRO A 315 2.49 31.67 -11.31
CA PRO A 315 3.92 31.62 -11.65
C PRO A 315 4.21 32.00 -13.09
N GLU A 316 3.30 31.69 -14.02
CA GLU A 316 3.51 32.08 -15.41
C GLU A 316 3.51 33.60 -15.56
N ALA A 317 2.60 34.28 -14.86
CA ALA A 317 2.55 35.74 -14.96
C ALA A 317 3.77 36.39 -14.31
N LEU A 318 4.20 35.86 -13.16
CA LEU A 318 5.35 36.45 -12.46
C LEU A 318 6.64 36.20 -13.23
N ILE A 319 6.73 35.09 -13.97
CA ILE A 319 7.92 34.82 -14.76
C ILE A 319 8.01 35.76 -15.95
N ASN A 320 6.86 36.01 -16.61
CA ASN A 320 6.87 36.87 -17.79
C ASN A 320 7.16 38.32 -17.42
N ALA A 321 6.55 38.83 -16.36
CA ALA A 321 6.69 40.22 -15.95
C ALA A 321 7.70 40.39 -14.82
N GLY A 322 8.82 39.67 -14.88
CA GLY A 322 9.83 39.70 -13.83
C GLY A 322 11.19 40.10 -14.37
N ASP A 323 11.91 40.90 -13.59
CA ASP A 323 13.27 41.31 -13.92
C ASP A 323 14.23 40.45 -13.11
N PHE A 324 15.10 39.73 -13.80
CA PHE A 324 16.01 38.78 -13.18
C PHE A 324 17.48 39.16 -13.38
N HIS A 325 17.75 40.46 -13.52
CA HIS A 325 19.13 40.91 -13.66
C HIS A 325 19.91 40.66 -12.38
N GLY A 326 21.15 40.23 -12.55
CA GLY A 326 22.00 39.90 -11.41
C GLY A 326 21.76 38.53 -10.82
N LEU A 327 21.06 37.65 -11.53
CA LEU A 327 20.73 36.32 -11.04
C LEU A 327 21.34 35.27 -11.97
N GLN A 328 21.92 34.22 -11.37
CA GLN A 328 22.46 33.10 -12.11
C GLN A 328 21.61 31.86 -11.81
N VAL A 329 21.15 31.20 -12.86
CA VAL A 329 20.27 30.04 -12.74
C VAL A 329 20.91 28.86 -13.47
N LEU A 330 20.77 27.67 -12.90
CA LEU A 330 21.22 26.43 -13.51
C LEU A 330 20.03 25.48 -13.57
N VAL A 331 19.52 25.24 -14.78
CA VAL A 331 18.36 24.38 -14.99
C VAL A 331 18.78 23.17 -15.81
N GLY A 332 17.93 22.15 -15.79
CA GLY A 332 18.21 20.95 -16.55
C GLY A 332 17.17 19.89 -16.28
N VAL A 333 17.23 18.84 -17.09
CA VAL A 333 16.31 17.70 -17.01
C VAL A 333 17.11 16.42 -17.24
N VAL A 334 16.46 15.29 -17.02
CA VAL A 334 17.03 13.99 -17.33
C VAL A 334 16.53 13.56 -18.71
N LYS A 335 17.11 12.48 -19.23
CA LYS A 335 16.82 12.07 -20.59
C LYS A 335 15.39 11.55 -20.74
N ASP A 336 14.86 10.87 -19.72
CA ASP A 336 13.54 10.24 -19.79
C ASP A 336 12.75 10.67 -18.56
N GLU A 337 12.10 11.84 -18.65
CA GLU A 337 11.44 12.42 -17.49
C GLU A 337 10.14 11.67 -17.16
N GLY A 338 9.39 11.25 -18.18
CA GLY A 338 8.07 10.71 -17.94
C GLY A 338 7.96 9.20 -17.78
N SER A 339 9.04 8.46 -18.04
CA SER A 339 8.95 7.00 -18.01
C SER A 339 8.64 6.46 -16.62
N TYR A 340 9.12 7.14 -15.57
CA TYR A 340 8.91 6.67 -14.21
C TYR A 340 7.44 6.77 -13.80
N PHE A 341 6.72 7.77 -14.28
CA PHE A 341 5.36 8.01 -13.86
C PHE A 341 4.33 7.17 -14.61
N LEU A 342 4.76 6.41 -15.63
CA LEU A 342 3.81 5.65 -16.43
C LEU A 342 3.31 4.41 -15.70
N VAL A 343 4.11 3.84 -14.79
CA VAL A 343 3.68 2.68 -14.02
C VAL A 343 2.72 3.03 -12.91
N TYR A 344 2.32 4.30 -12.79
CA TYR A 344 1.42 4.75 -11.74
C TYR A 344 0.03 5.07 -12.25
N GLY A 345 -0.38 4.50 -13.38
CA GLY A 345 -1.72 4.74 -13.87
C GLY A 345 -1.94 4.51 -15.35
N ALA A 346 -0.87 4.57 -16.14
CA ALA A 346 -1.02 4.38 -17.58
C ALA A 346 -1.30 2.91 -17.88
N PRO A 347 -2.34 2.60 -18.66
CA PRO A 347 -2.69 1.20 -18.88
C PRO A 347 -1.67 0.48 -19.74
N GLY A 348 -1.44 -0.79 -19.41
CA GLY A 348 -0.50 -1.61 -20.13
C GLY A 348 0.94 -1.51 -19.69
N PHE A 349 1.23 -0.71 -18.66
CA PHE A 349 2.60 -0.50 -18.21
C PHE A 349 2.89 -1.30 -16.95
N SER A 350 4.12 -1.79 -16.86
CA SER A 350 4.57 -2.57 -15.72
C SER A 350 6.10 -2.53 -15.69
N LYS A 351 6.66 -2.33 -14.50
CA LYS A 351 8.11 -2.30 -14.38
C LYS A 351 8.74 -3.67 -14.55
N ASP A 352 7.94 -4.73 -14.55
CA ASP A 352 8.45 -6.09 -14.61
C ASP A 352 8.29 -6.74 -15.98
N ASN A 353 7.84 -5.99 -16.98
CA ASN A 353 7.83 -6.46 -18.36
C ASN A 353 8.33 -5.33 -19.25
N GLU A 354 8.21 -5.52 -20.57
CA GLU A 354 8.71 -4.53 -21.52
C GLU A 354 7.75 -3.38 -21.76
N SER A 355 6.52 -3.47 -21.26
CA SER A 355 5.52 -2.42 -21.40
C SER A 355 5.29 -2.07 -22.87
N LEU A 356 5.22 -3.11 -23.71
CA LEU A 356 4.94 -2.93 -25.14
C LEU A 356 3.44 -2.72 -25.30
N ILE A 357 3.03 -1.46 -25.13
CA ILE A 357 1.61 -1.13 -25.15
C ILE A 357 1.08 -1.12 -26.58
N SER A 358 -0.22 -1.31 -26.70
CA SER A 358 -0.89 -1.29 -28.00
C SER A 358 -1.28 0.14 -28.37
N ARG A 359 -1.91 0.29 -29.54
CA ARG A 359 -2.37 1.60 -29.96
C ARG A 359 -3.51 2.11 -29.07
N ALA A 360 -4.42 1.21 -28.69
CA ALA A 360 -5.53 1.61 -27.83
C ALA A 360 -5.04 2.02 -26.44
N GLU A 361 -4.06 1.29 -25.91
CA GLU A 361 -3.51 1.64 -24.60
C GLU A 361 -2.77 2.97 -24.65
N PHE A 362 -2.13 3.29 -25.79
CA PHE A 362 -1.49 4.59 -25.93
C PHE A 362 -2.52 5.71 -25.96
N LEU A 363 -3.61 5.53 -26.71
CA LEU A 363 -4.65 6.54 -26.79
C LEU A 363 -5.28 6.78 -25.43
N ALA A 364 -5.52 5.72 -24.66
CA ALA A 364 -6.08 5.87 -23.32
C ALA A 364 -5.06 6.48 -22.37
N GLY A 365 -3.78 6.15 -22.55
CA GLY A 365 -2.75 6.71 -21.68
C GLY A 365 -2.57 8.20 -21.83
N VAL A 366 -2.86 8.73 -23.02
CA VAL A 366 -2.76 10.18 -23.23
C VAL A 366 -3.75 10.92 -22.34
N ARG A 367 -4.94 10.35 -22.15
CA ARG A 367 -5.92 10.98 -21.28
C ARG A 367 -5.50 10.93 -19.82
N VAL A 368 -4.72 9.91 -19.43
CA VAL A 368 -4.21 9.84 -18.08
C VAL A 368 -3.00 10.76 -17.92
N GLY A 369 -2.11 10.78 -18.92
CA GLY A 369 -0.95 11.65 -18.85
C GLY A 369 -1.29 13.13 -19.01
N VAL A 370 -2.33 13.43 -19.77
CA VAL A 370 -2.81 14.80 -19.92
C VAL A 370 -4.22 14.86 -19.35
N PRO A 371 -4.38 14.97 -18.02
CA PRO A 371 -5.71 14.81 -17.42
C PRO A 371 -6.62 16.00 -17.68
N GLN A 372 -7.87 15.68 -18.01
CA GLN A 372 -8.96 16.65 -18.15
C GLN A 372 -8.61 17.76 -19.14
N VAL A 373 -8.44 17.36 -20.39
CA VAL A 373 -8.38 18.29 -21.51
C VAL A 373 -9.44 17.87 -22.51
N SER A 374 -9.78 18.80 -23.40
CA SER A 374 -10.80 18.52 -24.40
C SER A 374 -10.37 17.37 -25.30
N ASP A 375 -11.37 16.68 -25.87
CA ASP A 375 -11.07 15.61 -26.81
C ASP A 375 -10.28 16.12 -28.01
N LEU A 376 -10.53 17.36 -28.43
CA LEU A 376 -9.75 17.94 -29.51
C LEU A 376 -8.29 18.16 -29.08
N ALA A 377 -8.08 18.53 -27.81
CA ALA A 377 -6.71 18.70 -27.32
C ALA A 377 -5.97 17.37 -27.30
N ALA A 378 -6.66 16.30 -26.92
CA ALA A 378 -6.05 14.98 -26.94
C ALA A 378 -5.68 14.56 -28.35
N GLU A 379 -6.51 14.92 -29.34
CA GLU A 379 -6.19 14.62 -30.73
C GLU A 379 -4.91 15.34 -31.16
N ALA A 380 -4.73 16.59 -30.70
CA ALA A 380 -3.51 17.33 -31.03
C ALA A 380 -2.28 16.68 -30.40
N VAL A 381 -2.42 16.14 -29.19
CA VAL A 381 -1.31 15.45 -28.55
C VAL A 381 -1.00 14.16 -29.29
N VAL A 382 -2.03 13.41 -29.68
CA VAL A 382 -1.81 12.17 -30.40
C VAL A 382 -1.14 12.44 -31.74
N LEU A 383 -1.54 13.52 -32.42
CA LEU A 383 -0.94 13.86 -33.71
C LEU A 383 0.55 14.13 -33.58
N HIS A 384 0.93 14.91 -32.56
CA HIS A 384 2.31 15.36 -32.46
C HIS A 384 3.26 14.24 -32.04
N TYR A 385 2.77 13.26 -31.29
CA TYR A 385 3.63 12.22 -30.73
C TYR A 385 3.46 10.87 -31.40
N THR A 386 2.73 10.80 -32.51
CA THR A 386 2.58 9.56 -33.26
C THR A 386 3.54 9.56 -34.44
N ASP A 387 4.36 8.51 -34.52
CA ASP A 387 5.18 8.27 -35.70
C ASP A 387 4.27 7.66 -36.76
N TRP A 388 3.78 8.49 -37.69
CA TRP A 388 2.78 8.03 -38.63
C TRP A 388 3.31 7.08 -39.68
N LEU A 389 4.61 6.80 -39.69
CA LEU A 389 5.14 5.70 -40.47
C LEU A 389 5.07 4.37 -39.74
N HIS A 390 5.09 4.40 -38.40
CA HIS A 390 4.92 3.21 -37.57
C HIS A 390 3.93 3.55 -36.46
N PRO A 391 2.66 3.77 -36.81
CA PRO A 391 1.70 4.24 -35.80
C PRO A 391 1.27 3.18 -34.80
N GLU A 392 1.59 1.92 -35.05
CA GLU A 392 1.18 0.84 -34.16
C GLU A 392 2.35 0.13 -33.49
N ASP A 393 3.58 0.60 -33.70
CA ASP A 393 4.75 -0.05 -33.11
C ASP A 393 4.71 0.08 -31.59
N PRO A 394 4.63 -1.01 -30.84
CA PRO A 394 4.51 -0.89 -29.37
C PRO A 394 5.68 -0.17 -28.72
N ALA A 395 6.91 -0.42 -29.19
CA ALA A 395 8.07 0.23 -28.59
C ALA A 395 8.04 1.73 -28.81
N ARG A 396 7.68 2.17 -30.02
CA ARG A 396 7.62 3.62 -30.28
C ARG A 396 6.49 4.28 -29.49
N LEU A 397 5.37 3.58 -29.33
CA LEU A 397 4.27 4.13 -28.54
C LEU A 397 4.67 4.27 -27.07
N ARG A 398 5.47 3.33 -26.56
CA ARG A 398 5.93 3.41 -25.18
C ARG A 398 6.82 4.62 -24.98
N GLU A 399 7.78 4.85 -25.88
CA GLU A 399 8.62 6.03 -25.79
C GLU A 399 7.84 7.30 -26.06
N ALA A 400 6.78 7.22 -26.85
CA ALA A 400 5.99 8.41 -27.15
C ALA A 400 5.22 8.88 -25.92
N LEU A 401 4.53 7.96 -25.24
CA LEU A 401 3.80 8.34 -24.03
C LEU A 401 4.74 8.81 -22.94
N SER A 402 5.95 8.25 -22.87
CA SER A 402 6.96 8.77 -21.95
C SER A 402 7.32 10.20 -22.28
N ASP A 403 7.41 10.52 -23.58
CA ASP A 403 7.68 11.90 -23.98
C ASP A 403 6.50 12.81 -23.68
N VAL A 404 5.28 12.30 -23.81
CA VAL A 404 4.09 13.11 -23.56
C VAL A 404 4.07 13.58 -22.12
N VAL A 405 4.30 12.66 -21.17
CA VAL A 405 4.26 13.02 -19.76
C VAL A 405 5.46 13.88 -19.39
N GLY A 406 6.64 13.52 -19.92
CA GLY A 406 7.84 14.26 -19.55
C GLY A 406 7.86 15.68 -20.09
N ASP A 407 7.45 15.86 -21.35
CA ASP A 407 7.44 17.20 -21.93
C ASP A 407 6.36 18.07 -21.30
N HIS A 408 5.16 17.51 -21.08
CA HIS A 408 4.06 18.29 -20.56
C HIS A 408 4.29 18.75 -19.12
N ASN A 409 4.99 17.94 -18.33
CA ASN A 409 5.14 18.22 -16.90
C ASN A 409 6.50 18.79 -16.52
N VAL A 410 7.56 18.48 -17.28
CA VAL A 410 8.90 18.84 -16.85
C VAL A 410 9.64 19.64 -17.92
N VAL A 411 9.91 19.00 -19.06
CA VAL A 411 10.85 19.56 -20.03
C VAL A 411 10.39 20.92 -20.52
N CYS A 412 9.14 21.03 -20.95
CA CYS A 412 8.66 22.26 -21.54
C CYS A 412 8.41 23.35 -20.50
N PRO A 413 7.86 23.04 -19.31
CA PRO A 413 7.85 24.07 -18.26
C PRO A 413 9.23 24.58 -17.90
N VAL A 414 10.24 23.70 -17.93
CA VAL A 414 11.61 24.14 -17.64
C VAL A 414 12.16 24.98 -18.79
N ALA A 415 11.92 24.53 -20.03
CA ALA A 415 12.41 25.28 -21.18
C ALA A 415 11.76 26.66 -21.27
N GLN A 416 10.46 26.74 -20.99
CA GLN A 416 9.78 28.03 -20.99
C GLN A 416 10.34 28.94 -19.91
N LEU A 417 10.68 28.37 -18.75
CA LEU A 417 11.26 29.17 -17.68
C LEU A 417 12.67 29.63 -18.03
N ALA A 418 13.49 28.73 -18.57
CA ALA A 418 14.87 29.08 -18.88
C ALA A 418 14.94 30.15 -19.97
N GLY A 419 14.02 30.10 -20.94
CA GLY A 419 14.02 31.10 -21.99
C GLY A 419 13.63 32.48 -21.48
N ARG A 420 12.63 32.55 -20.60
CA ARG A 420 12.22 33.82 -20.05
C ARG A 420 13.25 34.40 -19.09
N LEU A 421 13.93 33.53 -18.32
CA LEU A 421 14.96 34.02 -17.42
C LEU A 421 16.15 34.59 -18.19
N ALA A 422 16.57 33.92 -19.27
CA ALA A 422 17.73 34.37 -20.02
C ALA A 422 17.44 35.68 -20.75
N ALA A 423 16.26 35.79 -21.34
CA ALA A 423 15.89 36.98 -22.11
C ALA A 423 15.44 38.15 -21.24
N GLN A 424 15.59 38.05 -19.92
CA GLN A 424 15.13 39.12 -19.03
C GLN A 424 16.15 39.41 -17.93
N GLY A 425 17.43 39.16 -18.19
CA GLY A 425 18.47 39.58 -17.27
C GLY A 425 19.32 38.47 -16.69
N ALA A 426 18.70 37.34 -16.36
CA ALA A 426 19.41 36.26 -15.69
C ALA A 426 20.30 35.50 -16.66
N ARG A 427 21.47 35.08 -16.18
CA ARG A 427 22.34 34.20 -16.94
C ARG A 427 21.99 32.75 -16.58
N VAL A 428 21.65 31.95 -17.58
CA VAL A 428 21.12 30.61 -17.38
C VAL A 428 22.06 29.61 -18.01
N TYR A 429 22.27 28.49 -17.31
CA TYR A 429 22.99 27.34 -17.83
C TYR A 429 22.05 26.15 -17.84
N ALA A 430 22.01 25.42 -18.96
CA ALA A 430 21.09 24.31 -19.12
C ALA A 430 21.87 23.03 -19.39
N TYR A 431 21.31 21.90 -18.92
CA TYR A 431 21.93 20.60 -19.10
C TYR A 431 20.84 19.57 -19.38
N VAL A 432 21.28 18.41 -19.87
CA VAL A 432 20.42 17.23 -20.00
C VAL A 432 21.21 16.03 -19.50
N PHE A 433 20.73 15.41 -18.42
CA PHE A 433 21.41 14.27 -17.83
C PHE A 433 21.07 13.01 -18.62
N GLU A 434 22.08 12.38 -19.21
CA GLU A 434 21.87 11.26 -20.12
C GLU A 434 22.59 9.99 -19.69
N HIS A 435 23.05 9.90 -18.44
CA HIS A 435 23.74 8.70 -17.95
C HIS A 435 22.79 7.88 -17.11
N ARG A 436 22.65 6.60 -17.44
CA ARG A 436 21.88 5.65 -16.65
C ARG A 436 22.82 4.94 -15.69
N ALA A 437 22.52 5.01 -14.39
CA ALA A 437 23.39 4.41 -13.39
C ALA A 437 23.48 2.91 -13.58
N SER A 438 24.68 2.36 -13.40
CA SER A 438 24.90 0.93 -13.55
C SER A 438 24.18 0.10 -12.50
N THR A 439 23.84 0.72 -11.36
CA THR A 439 23.15 0.04 -10.27
C THR A 439 21.65 0.29 -10.27
N LEU A 440 21.13 0.89 -11.33
CA LEU A 440 19.71 1.26 -11.38
C LEU A 440 18.84 0.02 -11.38
N SER A 441 17.86 -0.02 -10.47
CA SER A 441 16.97 -1.17 -10.33
C SER A 441 15.73 -1.08 -11.21
N TRP A 442 15.41 0.11 -11.74
CA TRP A 442 14.28 0.24 -12.63
C TRP A 442 14.57 -0.47 -13.95
N PRO A 443 13.53 -0.89 -14.68
CA PRO A 443 13.76 -1.63 -15.93
C PRO A 443 14.50 -0.79 -16.96
N LEU A 444 15.07 -1.49 -17.94
CA LEU A 444 15.92 -0.83 -18.93
C LEU A 444 15.13 0.11 -19.83
N TRP A 445 13.86 -0.19 -20.10
CA TRP A 445 13.09 0.64 -21.02
C TRP A 445 12.81 2.03 -20.46
N MET A 446 12.94 2.22 -19.14
CA MET A 446 12.77 3.54 -18.57
C MET A 446 13.96 4.45 -18.85
N GLY A 447 15.09 3.91 -19.25
CA GLY A 447 16.20 4.77 -19.66
C GLY A 447 16.80 5.46 -18.45
N VAL A 448 16.81 6.79 -18.51
CA VAL A 448 17.29 7.62 -17.40
C VAL A 448 16.07 8.25 -16.73
N PRO A 449 15.50 7.60 -15.72
CA PRO A 449 14.22 8.06 -15.17
C PRO A 449 14.36 9.35 -14.39
N HIS A 450 13.20 9.92 -14.08
CA HIS A 450 13.14 11.17 -13.31
C HIS A 450 13.67 10.95 -11.90
N GLY A 451 14.64 11.76 -11.50
CA GLY A 451 15.15 11.76 -10.14
C GLY A 451 16.45 11.00 -9.93
N TYR A 452 17.00 10.38 -10.97
CA TYR A 452 18.19 9.53 -10.80
C TYR A 452 19.45 10.21 -11.31
N GLU A 453 19.48 11.55 -11.30
CA GLU A 453 20.72 12.30 -11.36
C GLU A 453 21.16 12.78 -9.99
N ILE A 454 20.28 12.66 -8.99
CA ILE A 454 20.58 13.18 -7.66
C ILE A 454 21.75 12.44 -7.03
N GLU A 455 21.79 11.12 -7.20
CA GLU A 455 22.85 10.32 -6.58
C GLU A 455 24.23 10.71 -7.12
N PHE A 456 24.29 11.24 -8.33
CA PHE A 456 25.57 11.67 -8.87
C PHE A 456 25.92 13.10 -8.45
N ILE A 457 24.91 13.94 -8.21
CA ILE A 457 25.17 15.29 -7.75
C ILE A 457 25.71 15.26 -6.33
N PHE A 458 25.23 14.33 -5.51
CA PHE A 458 25.65 14.22 -4.12
C PHE A 458 26.84 13.29 -3.93
N GLY A 459 27.46 12.83 -5.02
CA GLY A 459 28.64 12.00 -4.90
C GLY A 459 28.41 10.64 -4.26
N ILE A 460 27.19 10.10 -4.38
CA ILE A 460 26.92 8.78 -3.80
C ILE A 460 27.82 7.69 -4.37
N PRO A 461 28.20 7.70 -5.67
CA PRO A 461 29.15 6.68 -6.15
C PRO A 461 30.44 6.58 -5.36
N LEU A 462 30.80 7.63 -4.60
CA LEU A 462 31.99 7.58 -3.77
C LEU A 462 31.81 6.76 -2.51
N ASP A 463 30.60 6.29 -2.22
CA ASP A 463 30.37 5.43 -1.07
C ASP A 463 31.04 4.08 -1.31
N PRO A 464 32.02 3.68 -0.50
CA PRO A 464 32.72 2.42 -0.76
C PRO A 464 31.86 1.18 -0.56
N SER A 465 30.71 1.30 0.10
CA SER A 465 29.81 0.17 0.32
C SER A 465 28.83 -0.02 -0.83
N ARG A 466 29.04 0.64 -1.97
CA ARG A 466 28.17 0.52 -3.13
C ARG A 466 28.99 0.06 -4.33
N ASN A 467 28.29 -0.44 -5.34
CA ASN A 467 28.94 -1.07 -6.48
C ASN A 467 28.90 -0.21 -7.73
N TYR A 468 29.24 1.07 -7.59
CA TYR A 468 29.37 1.94 -8.75
C TYR A 468 30.69 1.67 -9.47
N THR A 469 30.72 1.94 -10.77
CA THR A 469 31.90 1.70 -11.56
C THR A 469 32.94 2.79 -11.32
N ALA A 470 34.16 2.54 -11.81
CA ALA A 470 35.23 3.52 -11.67
C ALA A 470 34.95 4.78 -12.50
N GLU A 471 34.31 4.62 -13.65
CA GLU A 471 34.00 5.79 -14.48
C GLU A 471 32.89 6.62 -13.85
N GLU A 472 31.97 6.00 -13.13
CA GLU A 472 30.89 6.75 -12.49
C GLU A 472 31.41 7.56 -11.31
N LYS A 473 32.49 7.10 -10.65
CA LYS A 473 33.08 7.90 -9.59
C LYS A 473 33.73 9.17 -10.13
N ILE A 474 34.44 9.05 -11.26
CA ILE A 474 35.00 10.23 -11.91
C ILE A 474 33.88 11.13 -12.42
N PHE A 475 32.82 10.53 -12.97
CA PHE A 475 31.70 11.30 -13.48
C PHE A 475 30.98 12.06 -12.35
N ALA A 476 30.87 11.42 -11.19
CA ALA A 476 30.23 12.09 -10.05
C ALA A 476 31.09 13.24 -9.53
N GLN A 477 32.41 13.07 -9.54
CA GLN A 477 33.30 14.14 -9.08
C GLN A 477 33.25 15.34 -10.03
N ARG A 478 33.14 15.09 -11.33
CA ARG A 478 33.04 16.19 -12.28
C ARG A 478 31.72 16.93 -12.14
N LEU A 479 30.64 16.23 -11.81
CA LEU A 479 29.36 16.89 -11.59
C LEU A 479 29.37 17.72 -10.32
N MET A 480 29.96 17.19 -9.25
CA MET A 480 30.06 17.96 -8.01
C MET A 480 30.86 19.24 -8.21
N ARG A 481 31.86 19.21 -9.11
CA ARG A 481 32.62 20.41 -9.41
C ARG A 481 31.76 21.42 -10.16
N TYR A 482 30.91 20.95 -11.08
CA TYR A 482 30.01 21.84 -11.79
C TYR A 482 29.09 22.56 -10.83
N TRP A 483 28.44 21.82 -9.93
CA TRP A 483 27.51 22.42 -8.98
C TRP A 483 28.23 23.34 -8.00
N ALA A 484 29.43 22.97 -7.58
CA ALA A 484 30.17 23.81 -6.63
C ALA A 484 30.68 25.08 -7.29
N ASN A 485 31.22 24.97 -8.51
CA ASN A 485 31.68 26.15 -9.22
C ASN A 485 30.54 27.13 -9.46
N PHE A 486 29.35 26.63 -9.77
CA PHE A 486 28.20 27.51 -9.91
C PHE A 486 27.83 28.15 -8.58
N ALA A 487 27.95 27.40 -7.48
CA ALA A 487 27.63 27.96 -6.18
C ALA A 487 28.66 29.02 -5.78
N ARG A 488 29.93 28.81 -6.12
CA ARG A 488 30.98 29.74 -5.73
C ARG A 488 30.97 30.99 -6.63
N THR A 489 31.01 30.79 -7.95
CA THR A 489 31.22 31.89 -8.87
C THR A 489 30.02 32.21 -9.75
N GLY A 490 28.96 31.41 -9.70
CA GLY A 490 27.84 31.60 -10.61
C GLY A 490 28.07 31.04 -12.00
N ASP A 491 29.17 30.29 -12.20
CA ASP A 491 29.53 29.74 -13.49
C ASP A 491 29.99 28.29 -13.31
N PRO A 492 29.30 27.32 -13.91
CA PRO A 492 29.70 25.93 -13.73
C PRO A 492 31.05 25.59 -14.35
N ASN A 493 31.53 26.40 -15.29
CA ASN A 493 32.81 26.13 -15.91
C ASN A 493 33.97 26.37 -14.92
N GLU A 494 35.09 25.72 -15.20
CA GLU A 494 36.28 25.91 -14.39
C GLU A 494 36.76 27.35 -14.51
N PRO A 495 36.99 28.05 -13.39
CA PRO A 495 37.36 29.47 -13.48
C PRO A 495 38.67 29.72 -14.20
N ARG A 496 39.53 28.70 -14.34
CA ARG A 496 40.81 28.89 -15.02
C ARG A 496 41.19 27.78 -15.98
N ASP A 497 40.67 26.56 -15.81
CA ASP A 497 41.07 25.44 -16.66
C ASP A 497 40.50 25.60 -18.06
N PRO A 498 41.33 25.73 -19.10
CA PRO A 498 40.83 25.80 -20.48
C PRO A 498 40.83 24.47 -21.23
N LYS A 499 41.34 23.40 -20.62
CA LYS A 499 41.45 22.12 -21.32
C LYS A 499 40.08 21.51 -21.57
N ALA A 500 39.28 21.37 -20.51
CA ALA A 500 37.96 20.78 -20.63
C ALA A 500 37.05 21.66 -21.48
N PRO A 501 36.16 21.05 -22.27
CA PRO A 501 35.23 21.84 -23.09
C PRO A 501 34.37 22.75 -22.22
N GLN A 502 33.94 23.85 -22.81
CA GLN A 502 33.22 24.89 -22.08
C GLN A 502 31.72 24.65 -22.09
N TRP A 503 31.06 25.19 -21.07
CA TRP A 503 29.60 25.13 -20.92
C TRP A 503 29.03 26.50 -21.26
N PRO A 504 28.54 26.71 -22.48
CA PRO A 504 28.05 28.04 -22.85
C PRO A 504 26.74 28.33 -22.16
N PRO A 505 26.44 29.60 -21.87
CA PRO A 505 25.17 29.94 -21.24
C PRO A 505 23.99 29.64 -22.14
N TYR A 506 22.81 29.54 -21.53
CA TYR A 506 21.57 29.31 -22.25
C TYR A 506 20.91 30.65 -22.56
N THR A 507 20.56 30.85 -23.82
CA THR A 507 19.90 32.07 -24.26
C THR A 507 18.60 31.72 -24.98
N ALA A 508 17.68 32.68 -25.01
CA ALA A 508 16.40 32.46 -25.66
C ALA A 508 16.52 32.24 -27.16
N GLY A 509 17.62 32.67 -27.77
CA GLY A 509 17.82 32.50 -29.20
C GLY A 509 18.60 31.27 -29.55
N ALA A 510 19.83 31.14 -29.03
CA ALA A 510 20.67 29.99 -29.36
C ALA A 510 20.17 28.74 -28.67
N GLN A 511 19.70 28.85 -27.42
CA GLN A 511 19.16 27.73 -26.66
C GLN A 511 20.17 26.60 -26.53
N GLN A 512 21.40 26.97 -26.17
CA GLN A 512 22.47 25.98 -26.03
C GLN A 512 22.42 25.30 -24.67
N TYR A 513 22.69 23.99 -24.67
CA TYR A 513 22.79 23.22 -23.44
C TYR A 513 23.84 22.15 -23.64
N VAL A 514 24.20 21.48 -22.56
CA VAL A 514 25.22 20.43 -22.60
C VAL A 514 24.60 19.13 -22.12
N SER A 515 25.18 18.02 -22.57
CA SER A 515 24.78 16.69 -22.15
C SER A 515 25.73 16.19 -21.08
N LEU A 516 25.17 15.71 -19.97
CA LEU A 516 25.96 15.24 -18.84
C LEU A 516 25.96 13.70 -18.86
N ASP A 517 27.10 13.12 -19.19
CA ASP A 517 27.29 11.68 -19.18
C ASP A 517 28.77 11.38 -19.04
N LEU A 518 29.16 10.13 -19.27
CA LEU A 518 30.56 9.75 -19.12
C LEU A 518 31.45 10.44 -20.16
N ARG A 519 30.90 10.75 -21.33
CA ARG A 519 31.65 11.46 -22.34
C ARG A 519 31.86 12.91 -21.93
N PRO A 520 32.87 13.58 -22.50
CA PRO A 520 33.06 15.01 -22.21
C PRO A 520 31.84 15.83 -22.64
N LEU A 521 31.84 17.09 -22.22
CA LEU A 521 30.71 17.98 -22.50
C LEU A 521 30.48 18.11 -24.00
N GLU A 522 29.21 18.01 -24.40
CA GLU A 522 28.80 18.16 -25.79
C GLU A 522 27.69 19.18 -25.86
N VAL A 523 27.89 20.23 -26.66
CA VAL A 523 26.94 21.34 -26.74
C VAL A 523 25.88 21.00 -27.78
N ARG A 524 24.61 21.14 -27.38
CA ARG A 524 23.47 20.96 -28.27
C ARG A 524 22.58 22.18 -28.17
N ARG A 525 21.59 22.24 -29.05
CA ARG A 525 20.71 23.40 -29.17
C ARG A 525 19.26 22.96 -29.13
N GLY A 526 18.47 23.61 -28.27
CA GLY A 526 17.05 23.36 -28.21
C GLY A 526 16.63 22.26 -27.26
N LEU A 527 15.95 22.63 -26.17
CA LEU A 527 15.40 21.66 -25.22
C LEU A 527 14.05 21.18 -25.75
N ARG A 528 14.13 20.34 -26.78
CA ARG A 528 12.95 19.83 -27.49
C ARG A 528 12.07 21.00 -27.95
N ALA A 529 12.65 21.83 -28.81
CA ALA A 529 11.99 23.07 -29.21
C ALA A 529 10.71 22.81 -29.98
N GLN A 530 10.71 21.78 -30.85
CA GLN A 530 9.52 21.49 -31.63
C GLN A 530 8.39 20.97 -30.75
N ALA A 531 8.69 20.05 -29.84
CA ALA A 531 7.67 19.49 -28.97
C ALA A 531 7.15 20.54 -27.99
N CYS A 532 8.03 21.39 -27.47
CA CYS A 532 7.63 22.37 -26.46
C CYS A 532 6.92 23.57 -27.06
N ALA A 533 7.08 23.82 -28.37
CA ALA A 533 6.28 24.84 -29.01
C ALA A 533 4.81 24.43 -29.06
N PHE A 534 4.54 23.12 -29.12
CA PHE A 534 3.17 22.64 -29.08
C PHE A 534 2.55 22.87 -27.71
N TRP A 535 3.30 22.60 -26.64
CA TRP A 535 2.75 22.75 -25.29
C TRP A 535 2.68 24.21 -24.86
N ASN A 536 3.70 25.00 -25.19
CA ASN A 536 3.81 26.36 -24.68
C ASN A 536 3.10 27.39 -25.55
N ARG A 537 2.98 27.15 -26.85
CA ARG A 537 2.42 28.13 -27.78
C ARG A 537 1.07 27.75 -28.33
N PHE A 538 0.93 26.54 -28.90
CA PHE A 538 -0.27 26.21 -29.64
C PHE A 538 -1.38 25.70 -28.72
N LEU A 539 -1.07 24.76 -27.83
CA LEU A 539 -2.10 24.13 -27.01
C LEU A 539 -2.89 25.12 -26.14
N PRO A 540 -2.28 26.13 -25.50
CA PRO A 540 -3.11 27.11 -24.79
C PRO A 540 -4.12 27.81 -25.68
N LYS A 541 -3.76 28.09 -26.93
CA LYS A 541 -4.72 28.68 -27.85
C LYS A 541 -5.82 27.69 -28.22
N LEU A 542 -5.50 26.40 -28.28
CA LEU A 542 -6.52 25.38 -28.54
C LEU A 542 -7.47 25.25 -27.35
N LEU A 543 -6.98 25.51 -26.13
CA LEU A 543 -7.84 25.43 -24.96
C LEU A 543 -8.70 26.68 -24.80
N SER A 544 -8.21 27.83 -25.26
CA SER A 544 -9.00 29.07 -25.23
C SER A 544 -10.24 28.90 -26.09
N ALA A 545 -10.05 28.76 -27.40
CA ALA A 545 -11.15 28.39 -28.28
C ALA A 545 -11.50 26.92 -28.06
N THR A 546 -12.40 26.65 -27.12
CA THR A 546 -12.71 25.29 -26.69
C THR A 546 -13.14 24.38 -27.83
N GLU B 7 5.78 -31.72 33.71
CA GLU B 7 6.63 -30.54 33.79
C GLU B 7 7.27 -30.23 32.43
N ASP B 8 8.56 -29.86 32.46
CA ASP B 8 9.29 -29.59 31.23
C ASP B 8 9.42 -30.82 30.35
N ALA B 9 9.15 -32.01 30.88
CA ALA B 9 9.21 -33.22 30.08
C ALA B 9 8.05 -33.28 29.08
N GLU B 10 6.93 -32.63 29.39
CA GLU B 10 5.80 -32.61 28.48
C GLU B 10 6.04 -31.69 27.28
N LEU B 11 7.11 -30.91 27.28
CA LEU B 11 7.50 -30.09 26.15
C LEU B 11 8.32 -30.85 25.13
N LEU B 12 8.66 -32.11 25.39
CA LEU B 12 9.36 -32.97 24.45
C LEU B 12 8.38 -33.98 23.88
N VAL B 13 8.26 -34.02 22.56
CA VAL B 13 7.34 -34.91 21.87
C VAL B 13 8.04 -35.48 20.64
N THR B 14 7.88 -36.78 20.43
CA THR B 14 8.41 -37.45 19.25
C THR B 14 7.27 -37.76 18.29
N VAL B 15 7.43 -37.36 17.03
CA VAL B 15 6.47 -37.67 15.99
C VAL B 15 7.13 -38.59 14.97
N ARG B 16 6.42 -38.91 13.89
CA ARG B 16 6.97 -39.83 12.89
C ARG B 16 8.20 -39.27 12.20
N GLY B 17 8.34 -37.94 12.15
CA GLY B 17 9.47 -37.33 11.48
C GLY B 17 10.68 -37.12 12.37
N GLY B 18 10.45 -37.03 13.67
CA GLY B 18 11.55 -36.82 14.61
C GLY B 18 11.03 -36.28 15.93
N ARG B 19 11.92 -35.62 16.65
CA ARG B 19 11.62 -35.08 17.96
C ARG B 19 11.34 -33.58 17.88
N LEU B 20 10.55 -33.08 18.84
CA LEU B 20 10.16 -31.69 18.87
C LEU B 20 10.28 -31.17 20.30
N ARG B 21 10.54 -29.87 20.42
CA ARG B 21 10.56 -29.18 21.71
C ARG B 21 9.56 -28.04 21.67
N GLY B 22 8.55 -28.12 22.53
CA GLY B 22 7.50 -27.11 22.59
C GLY B 22 7.79 -26.02 23.60
N ILE B 23 6.75 -25.26 23.91
CA ILE B 23 6.84 -24.14 24.85
C ILE B 23 5.56 -24.08 25.66
N ARG B 24 5.69 -23.69 26.92
CA ARG B 24 4.55 -23.51 27.81
C ARG B 24 4.01 -22.10 27.69
N LEU B 25 2.70 -21.99 27.45
CA LEU B 25 2.03 -20.70 27.35
C LEU B 25 1.17 -20.48 28.58
N LYS B 26 1.17 -19.25 29.09
CA LYS B 26 0.44 -18.92 30.30
C LYS B 26 -0.95 -18.37 29.96
N THR B 27 -1.94 -18.81 30.71
CA THR B 27 -3.30 -18.30 30.68
C THR B 27 -3.73 -17.98 32.10
N PRO B 28 -4.74 -17.13 32.28
CA PRO B 28 -5.24 -16.86 33.64
C PRO B 28 -5.77 -18.09 34.35
N GLY B 29 -6.00 -19.20 33.66
CA GLY B 29 -6.55 -20.39 34.29
C GLY B 29 -5.62 -21.58 34.31
N GLY B 30 -4.40 -21.41 33.81
CA GLY B 30 -3.43 -22.49 33.83
C GLY B 30 -2.57 -22.52 32.59
N PRO B 31 -1.46 -23.24 32.65
CA PRO B 31 -0.55 -23.31 31.51
C PRO B 31 -1.05 -24.25 30.42
N VAL B 32 -0.49 -24.06 29.22
CA VAL B 32 -0.82 -24.86 28.05
C VAL B 32 0.47 -25.17 27.30
N SER B 33 0.62 -26.41 26.86
CA SER B 33 1.77 -26.82 26.07
C SER B 33 1.50 -26.56 24.60
N ALA B 34 2.40 -25.83 23.94
CA ALA B 34 2.24 -25.46 22.54
C ALA B 34 3.47 -25.91 21.75
N PHE B 35 3.23 -26.41 20.54
CA PHE B 35 4.27 -26.85 19.62
C PHE B 35 4.06 -26.10 18.31
N LEU B 36 4.75 -24.96 18.18
CA LEU B 36 4.52 -24.03 17.08
C LEU B 36 5.62 -24.17 16.05
N GLY B 37 5.24 -24.33 14.79
CA GLY B 37 6.19 -24.39 13.71
C GLY B 37 6.65 -25.78 13.33
N ILE B 38 5.79 -26.77 13.45
CA ILE B 38 6.14 -28.15 13.08
C ILE B 38 6.11 -28.28 11.56
N PRO B 39 7.21 -28.67 10.93
CA PRO B 39 7.20 -28.85 9.47
C PRO B 39 6.45 -30.13 9.09
N PHE B 40 5.44 -29.98 8.24
CA PHE B 40 4.68 -31.12 7.74
C PHE B 40 4.89 -31.36 6.26
N ALA B 41 5.74 -30.58 5.59
CA ALA B 41 5.98 -30.75 4.17
C ALA B 41 7.35 -30.18 3.82
N GLU B 42 7.90 -30.67 2.72
CA GLU B 42 9.12 -30.09 2.19
C GLU B 42 8.85 -28.67 1.71
N PRO B 43 9.81 -27.76 1.86
CA PRO B 43 9.60 -26.37 1.41
C PRO B 43 9.30 -26.32 -0.08
N PRO B 44 8.12 -25.85 -0.47
CA PRO B 44 7.75 -25.80 -1.90
C PRO B 44 8.41 -24.64 -2.63
N MET B 45 9.73 -24.73 -2.77
CA MET B 45 10.53 -23.70 -3.40
C MET B 45 11.21 -24.24 -4.65
N GLY B 46 11.72 -23.31 -5.45
CA GLY B 46 12.41 -23.66 -6.68
C GLY B 46 11.52 -24.39 -7.66
N PRO B 47 11.93 -25.59 -8.06
CA PRO B 47 11.09 -26.39 -8.98
C PRO B 47 9.80 -26.87 -8.36
N ARG B 48 9.64 -26.80 -7.04
CA ARG B 48 8.42 -27.24 -6.38
C ARG B 48 7.35 -26.15 -6.33
N ARG B 49 7.63 -24.95 -6.84
CA ARG B 49 6.63 -23.90 -6.88
C ARG B 49 5.48 -24.31 -7.79
N PHE B 50 4.25 -24.10 -7.32
CA PHE B 50 2.99 -24.46 -7.97
C PHE B 50 2.74 -25.96 -7.98
N LEU B 51 3.58 -26.76 -7.33
CA LEU B 51 3.41 -28.20 -7.33
C LEU B 51 2.75 -28.66 -6.03
N PRO B 52 2.10 -29.83 -6.05
CA PRO B 52 1.51 -30.34 -4.83
C PRO B 52 2.57 -30.58 -3.77
N PRO B 53 2.21 -30.51 -2.50
CA PRO B 53 3.20 -30.64 -1.44
C PRO B 53 3.68 -32.08 -1.30
N GLU B 54 4.97 -32.21 -0.95
CA GLU B 54 5.56 -33.49 -0.62
C GLU B 54 5.73 -33.60 0.90
N PRO B 55 5.55 -34.79 1.46
CA PRO B 55 5.65 -34.94 2.92
C PRO B 55 7.05 -34.59 3.42
N LYS B 56 7.09 -34.02 4.62
CA LYS B 56 8.36 -33.65 5.24
C LYS B 56 9.16 -34.90 5.57
N GLN B 57 10.35 -35.03 4.98
CA GLN B 57 11.19 -36.18 5.26
C GLN B 57 11.71 -36.12 6.70
N PRO B 58 11.93 -37.29 7.32
CA PRO B 58 12.32 -37.29 8.73
C PRO B 58 13.64 -36.55 8.96
N TRP B 59 13.75 -35.97 10.16
CA TRP B 59 14.88 -35.13 10.51
C TRP B 59 15.62 -35.73 11.71
N SER B 60 16.90 -35.36 11.83
CA SER B 60 17.73 -35.75 12.96
C SER B 60 17.75 -34.63 14.00
N GLY B 61 17.86 -35.02 15.27
CA GLY B 61 17.91 -34.05 16.34
C GLY B 61 16.52 -33.63 16.81
N VAL B 62 16.49 -32.46 17.43
CA VAL B 62 15.26 -31.91 18.02
C VAL B 62 14.95 -30.61 17.29
N VAL B 63 13.84 -30.60 16.54
CA VAL B 63 13.38 -29.38 15.90
C VAL B 63 12.78 -28.46 16.95
N ASP B 64 13.19 -27.20 16.97
CA ASP B 64 12.66 -26.23 17.90
C ASP B 64 11.24 -25.83 17.48
N ALA B 65 10.27 -26.10 18.35
CA ALA B 65 8.89 -25.75 18.06
C ALA B 65 8.36 -24.77 19.11
N THR B 66 9.12 -23.70 19.37
CA THR B 66 8.76 -22.74 20.39
C THR B 66 8.23 -21.42 19.84
N THR B 67 8.26 -21.23 18.52
CA THR B 67 7.78 -19.99 17.93
C THR B 67 7.15 -20.29 16.58
N PHE B 68 6.28 -19.39 16.14
CA PHE B 68 5.64 -19.52 14.84
C PHE B 68 6.67 -19.40 13.72
N GLN B 69 6.42 -20.12 12.64
CA GLN B 69 7.31 -20.11 11.48
C GLN B 69 6.91 -18.98 10.53
N SER B 70 7.48 -19.00 9.32
CA SER B 70 7.27 -17.91 8.38
C SER B 70 5.87 -17.95 7.78
N VAL B 71 5.40 -16.79 7.36
CA VAL B 71 4.11 -16.64 6.68
C VAL B 71 4.34 -16.84 5.19
N CYS B 72 3.40 -17.52 4.52
CA CYS B 72 3.50 -17.69 3.08
C CYS B 72 3.41 -16.34 2.38
N TYR B 73 4.12 -16.24 1.25
CA TYR B 73 4.13 -14.99 0.50
C TYR B 73 2.73 -14.58 0.10
N GLN B 74 2.36 -13.35 0.44
CA GLN B 74 1.00 -12.88 0.22
C GLN B 74 0.98 -11.36 0.14
N TYR B 75 -0.11 -10.85 -0.42
CA TYR B 75 -0.33 -9.41 -0.46
C TYR B 75 -0.55 -8.87 0.94
N VAL B 76 0.01 -7.70 1.22
CA VAL B 76 -0.13 -7.03 2.50
C VAL B 76 -1.08 -5.86 2.33
N ASP B 77 -2.10 -5.79 3.18
CA ASP B 77 -3.12 -4.75 3.07
C ASP B 77 -2.53 -3.39 3.43
N THR B 78 -2.77 -2.40 2.58
CA THR B 78 -2.27 -1.04 2.81
C THR B 78 -3.37 0.01 2.67
N LEU B 79 -4.65 -0.40 2.83
CA LEU B 79 -5.73 0.56 2.68
C LEU B 79 -5.74 1.58 3.81
N TYR B 80 -5.50 1.14 5.05
CA TYR B 80 -5.46 2.01 6.21
C TYR B 80 -4.20 1.71 7.01
N PRO B 81 -3.07 2.32 6.66
CA PRO B 81 -1.83 2.07 7.40
C PRO B 81 -1.96 2.48 8.86
N GLY B 82 -1.45 1.62 9.75
CA GLY B 82 -1.50 1.87 11.17
C GLY B 82 -2.83 1.59 11.84
N PHE B 83 -3.84 1.15 11.10
CA PHE B 83 -5.16 0.91 11.64
C PHE B 83 -5.28 -0.52 12.14
N GLU B 84 -5.68 -0.69 13.40
CA GLU B 84 -5.75 -2.00 14.01
C GLU B 84 -6.69 -2.94 13.26
N GLY B 85 -7.78 -2.40 12.71
CA GLY B 85 -8.77 -3.25 12.07
C GLY B 85 -8.25 -4.01 10.87
N THR B 86 -7.25 -3.45 10.18
CA THR B 86 -6.64 -4.10 9.03
C THR B 86 -5.31 -4.75 9.35
N GLU B 87 -4.50 -4.14 10.23
CA GLU B 87 -3.18 -4.68 10.53
C GLU B 87 -3.26 -6.03 11.25
N MET B 88 -4.37 -6.29 11.96
CA MET B 88 -4.50 -7.53 12.71
C MET B 88 -4.54 -8.76 11.80
N TRP B 89 -4.81 -8.57 10.51
CA TRP B 89 -4.82 -9.68 9.56
C TRP B 89 -3.55 -9.76 8.73
N ASN B 90 -2.70 -8.74 8.77
CA ASN B 90 -1.47 -8.74 8.01
C ASN B 90 -0.46 -9.71 8.63
N PRO B 91 0.52 -10.17 7.86
CA PRO B 91 1.50 -11.13 8.39
C PRO B 91 2.28 -10.54 9.56
N ASN B 92 2.39 -11.33 10.63
CA ASN B 92 3.18 -10.96 11.80
C ASN B 92 4.51 -11.70 11.87
N ARG B 93 4.86 -12.44 10.82
CA ARG B 93 6.17 -13.05 10.66
C ARG B 93 6.68 -12.72 9.26
N GLU B 94 7.96 -12.98 9.04
CA GLU B 94 8.56 -12.71 7.73
C GLU B 94 7.95 -13.60 6.67
N LEU B 95 7.88 -13.07 5.44
CA LEU B 95 7.33 -13.81 4.33
C LEU B 95 8.37 -14.75 3.75
N SER B 96 7.93 -15.94 3.33
CA SER B 96 8.81 -16.93 2.74
C SER B 96 7.96 -17.99 2.06
N GLU B 97 8.50 -18.54 0.96
CA GLU B 97 7.90 -19.71 0.35
C GLU B 97 8.08 -20.95 1.22
N ASP B 98 9.07 -20.94 2.12
CA ASP B 98 9.23 -21.98 3.14
C ASP B 98 8.28 -21.65 4.29
N CYS B 99 7.02 -22.07 4.13
CA CYS B 99 6.00 -21.71 5.09
C CYS B 99 5.08 -22.86 5.50
N LEU B 100 5.27 -24.07 4.97
CA LEU B 100 4.37 -25.18 5.26
C LEU B 100 4.71 -25.75 6.64
N TYR B 101 4.18 -25.09 7.67
CA TYR B 101 4.35 -25.50 9.05
C TYR B 101 3.00 -25.45 9.75
N LEU B 102 2.82 -26.31 10.75
CA LEU B 102 1.59 -26.36 11.52
C LEU B 102 1.91 -26.21 13.01
N ASN B 103 0.86 -25.99 13.79
CA ASN B 103 0.99 -25.75 15.22
C ASN B 103 0.00 -26.64 15.98
N VAL B 104 0.39 -27.05 17.18
CA VAL B 104 -0.40 -27.94 18.01
C VAL B 104 -0.45 -27.37 19.42
N TRP B 105 -1.65 -27.10 19.92
CA TRP B 105 -1.87 -26.75 21.31
C TRP B 105 -2.48 -27.94 22.04
N THR B 106 -1.93 -28.27 23.21
CA THR B 106 -2.42 -29.38 24.01
C THR B 106 -2.48 -28.95 25.47
N PRO B 107 -3.48 -29.40 26.22
CA PRO B 107 -3.62 -28.96 27.61
C PRO B 107 -2.50 -29.46 28.49
N TYR B 108 -2.33 -28.78 29.62
CA TYR B 108 -1.42 -29.22 30.67
C TYR B 108 -2.22 -29.52 31.94
N PRO B 109 -2.06 -30.72 32.54
CA PRO B 109 -1.22 -31.82 32.05
C PRO B 109 -1.72 -32.43 30.75
N ARG B 110 -0.84 -33.08 30.01
CA ARG B 110 -1.22 -33.67 28.74
C ARG B 110 -2.32 -34.70 28.96
N PRO B 111 -3.35 -34.71 28.11
CA PRO B 111 -4.44 -35.69 28.29
C PRO B 111 -3.92 -37.12 28.15
N THR B 112 -4.23 -37.95 29.14
CA THR B 112 -3.86 -39.35 29.09
C THR B 112 -4.83 -40.16 28.25
N SER B 113 -6.08 -39.71 28.15
CA SER B 113 -7.13 -40.29 27.34
C SER B 113 -7.21 -39.57 25.99
N PRO B 114 -7.54 -40.30 24.92
CA PRO B 114 -7.69 -39.64 23.61
C PRO B 114 -8.74 -38.55 23.65
N THR B 115 -8.32 -37.34 23.24
CA THR B 115 -9.12 -36.12 23.31
C THR B 115 -9.49 -35.65 21.90
N PRO B 116 -10.74 -35.21 21.70
CA PRO B 116 -11.14 -34.69 20.39
C PRO B 116 -10.27 -33.52 19.96
N VAL B 117 -10.09 -33.40 18.65
CA VAL B 117 -9.14 -32.45 18.07
C VAL B 117 -9.90 -31.43 17.23
N LEU B 118 -9.58 -30.16 17.42
CA LEU B 118 -10.07 -29.08 16.58
C LEU B 118 -8.96 -28.64 15.64
N VAL B 119 -9.30 -28.47 14.36
CA VAL B 119 -8.33 -28.07 13.34
C VAL B 119 -8.81 -26.77 12.71
N TRP B 120 -8.01 -25.72 12.85
CA TRP B 120 -8.36 -24.40 12.37
C TRP B 120 -7.76 -24.17 10.99
N ILE B 121 -8.57 -23.63 10.08
CA ILE B 121 -8.14 -23.24 8.74
C ILE B 121 -8.46 -21.77 8.58
N TYR B 122 -7.43 -20.92 8.54
CA TYR B 122 -7.66 -19.49 8.49
C TYR B 122 -8.23 -19.07 7.13
N GLY B 123 -8.91 -17.93 7.13
CA GLY B 123 -9.42 -17.34 5.92
C GLY B 123 -8.48 -16.29 5.36
N GLY B 124 -9.00 -15.52 4.41
CA GLY B 124 -8.21 -14.49 3.79
C GLY B 124 -8.37 -14.45 2.28
N GLY B 125 -9.54 -14.86 1.79
CA GLY B 125 -9.83 -14.82 0.37
C GLY B 125 -8.90 -15.63 -0.50
N PHE B 126 -8.24 -16.64 0.06
CA PHE B 126 -7.25 -17.48 -0.62
C PHE B 126 -6.06 -16.69 -1.14
N TYR B 127 -5.90 -15.43 -0.72
CA TYR B 127 -4.75 -14.63 -1.10
C TYR B 127 -3.90 -14.18 0.08
N SER B 128 -4.35 -14.40 1.31
CA SER B 128 -3.62 -13.94 2.49
C SER B 128 -4.01 -14.82 3.67
N GLY B 129 -3.41 -14.52 4.83
CA GLY B 129 -3.70 -15.24 6.05
C GLY B 129 -2.51 -15.98 6.61
N ALA B 130 -2.57 -16.31 7.90
CA ALA B 130 -1.50 -17.02 8.58
C ALA B 130 -2.03 -17.56 9.90
N SER B 131 -1.51 -18.71 10.31
CA SER B 131 -1.89 -19.31 11.58
C SER B 131 -1.20 -18.67 12.78
N SER B 132 -0.31 -17.71 12.55
CA SER B 132 0.44 -17.06 13.61
C SER B 132 -0.23 -15.78 14.12
N LEU B 133 -1.37 -15.40 13.54
CA LEU B 133 -2.03 -14.17 13.95
C LEU B 133 -2.49 -14.25 15.40
N ASP B 134 -2.43 -13.11 16.10
CA ASP B 134 -2.77 -13.09 17.52
C ASP B 134 -4.21 -13.51 17.76
N VAL B 135 -5.11 -13.22 16.82
CA VAL B 135 -6.52 -13.56 16.99
C VAL B 135 -6.78 -15.06 16.88
N TYR B 136 -5.80 -15.83 16.38
CA TYR B 136 -5.91 -17.27 16.30
C TYR B 136 -5.19 -17.99 17.44
N ASP B 137 -4.86 -17.27 18.51
CA ASP B 137 -4.15 -17.86 19.64
C ASP B 137 -5.03 -18.90 20.32
N GLY B 138 -4.60 -20.15 20.31
CA GLY B 138 -5.42 -21.24 20.81
C GLY B 138 -5.17 -21.64 22.24
N ARG B 139 -4.51 -20.77 23.01
CA ARG B 139 -4.18 -21.12 24.38
C ARG B 139 -5.40 -21.06 25.29
N PHE B 140 -6.37 -20.18 24.97
CA PHE B 140 -7.54 -20.03 25.82
C PHE B 140 -8.59 -21.10 25.52
N LEU B 141 -8.75 -21.46 24.25
CA LEU B 141 -9.70 -22.52 23.90
C LEU B 141 -9.23 -23.87 24.42
N VAL B 142 -7.92 -24.11 24.43
CA VAL B 142 -7.39 -25.38 24.90
C VAL B 142 -7.42 -25.47 26.42
N GLN B 143 -7.13 -24.36 27.11
CA GLN B 143 -7.13 -24.39 28.56
C GLN B 143 -8.55 -24.53 29.10
N ALA B 144 -9.50 -23.78 28.54
CA ALA B 144 -10.85 -23.75 29.10
C ALA B 144 -11.62 -25.04 28.82
N GLU B 145 -11.41 -25.65 27.67
CA GLU B 145 -12.19 -26.81 27.24
C GLU B 145 -11.39 -28.10 27.15
N ARG B 146 -10.07 -28.04 27.35
CA ARG B 146 -9.21 -29.22 27.41
C ARG B 146 -9.33 -30.07 26.14
N THR B 147 -9.24 -29.41 24.99
CA THR B 147 -9.19 -30.08 23.71
C THR B 147 -7.84 -29.82 23.05
N VAL B 148 -7.57 -30.56 21.97
CA VAL B 148 -6.36 -30.39 21.19
C VAL B 148 -6.69 -29.54 19.97
N LEU B 149 -5.95 -28.44 19.79
CA LEU B 149 -6.16 -27.52 18.69
C LEU B 149 -4.97 -27.57 17.75
N VAL B 150 -5.25 -27.73 16.46
CA VAL B 150 -4.21 -27.76 15.42
C VAL B 150 -4.55 -26.70 14.39
N SER B 151 -3.53 -25.99 13.91
CA SER B 151 -3.69 -25.01 12.85
C SER B 151 -2.47 -25.05 11.96
N MET B 152 -2.68 -24.97 10.64
CA MET B 152 -1.61 -25.08 9.67
C MET B 152 -1.58 -23.85 8.78
N ASN B 153 -0.44 -23.65 8.13
CA ASN B 153 -0.28 -22.69 7.05
C ASN B 153 -0.46 -23.39 5.72
N TYR B 154 -1.08 -22.70 4.77
CA TYR B 154 -1.24 -23.22 3.42
C TYR B 154 -0.94 -22.11 2.43
N ARG B 155 -0.40 -22.48 1.27
CA ARG B 155 -0.01 -21.51 0.27
C ARG B 155 -1.24 -20.77 -0.25
N VAL B 156 -1.14 -19.44 -0.30
CA VAL B 156 -2.21 -18.58 -0.76
C VAL B 156 -1.75 -17.86 -2.03
N GLY B 157 -2.69 -17.16 -2.66
CA GLY B 157 -2.36 -16.41 -3.87
C GLY B 157 -1.97 -17.32 -5.01
N ALA B 158 -1.07 -16.80 -5.86
CA ALA B 158 -0.61 -17.57 -7.02
C ALA B 158 0.16 -18.81 -6.58
N PHE B 159 0.93 -18.71 -5.50
CA PHE B 159 1.72 -19.84 -5.04
C PHE B 159 0.85 -21.01 -4.61
N GLY B 160 -0.41 -20.77 -4.28
CA GLY B 160 -1.28 -21.84 -3.83
C GLY B 160 -2.41 -22.17 -4.77
N PHE B 161 -2.75 -21.26 -5.69
CA PHE B 161 -3.94 -21.47 -6.51
C PHE B 161 -3.80 -20.97 -7.95
N LEU B 162 -2.61 -20.60 -8.40
CA LEU B 162 -2.41 -20.37 -9.83
C LEU B 162 -2.55 -21.71 -10.56
N ALA B 163 -3.40 -21.73 -11.59
CA ALA B 163 -3.77 -22.98 -12.23
C ALA B 163 -3.73 -22.82 -13.74
N LEU B 164 -2.95 -23.66 -14.40
CA LEU B 164 -3.07 -23.89 -15.83
C LEU B 164 -3.74 -25.25 -16.00
N PRO B 165 -5.07 -25.30 -16.10
CA PRO B 165 -5.78 -26.59 -16.05
C PRO B 165 -5.32 -27.53 -17.16
N GLY B 166 -5.26 -28.82 -16.81
CA GLY B 166 -4.79 -29.85 -17.71
C GLY B 166 -3.29 -30.06 -17.68
N SER B 167 -2.52 -29.00 -17.41
CA SER B 167 -1.06 -29.11 -17.38
C SER B 167 -0.63 -29.81 -16.10
N ARG B 168 0.69 -30.05 -15.99
CA ARG B 168 1.25 -30.74 -14.85
C ARG B 168 2.24 -29.90 -14.04
N GLU B 169 2.74 -28.79 -14.60
CA GLU B 169 3.63 -27.91 -13.85
C GLU B 169 2.87 -26.98 -12.92
N ALA B 170 1.58 -26.75 -13.18
CA ALA B 170 0.75 -25.89 -12.33
C ALA B 170 -0.67 -26.40 -12.37
N PRO B 171 -0.96 -27.51 -11.69
CA PRO B 171 -2.31 -28.09 -11.75
C PRO B 171 -3.36 -27.31 -10.96
N GLY B 172 -2.96 -26.50 -10.01
CA GLY B 172 -3.88 -25.74 -9.20
C GLY B 172 -4.32 -26.50 -7.95
N ASN B 173 -5.00 -25.77 -7.07
CA ASN B 173 -5.54 -26.29 -5.82
C ASN B 173 -4.47 -26.86 -4.89
N VAL B 174 -3.19 -26.50 -5.12
CA VAL B 174 -2.12 -27.02 -4.26
C VAL B 174 -2.22 -26.46 -2.86
N GLY B 175 -2.84 -25.29 -2.68
CA GLY B 175 -3.09 -24.78 -1.35
C GLY B 175 -4.07 -25.64 -0.57
N LEU B 176 -5.08 -26.19 -1.27
CA LEU B 176 -5.97 -27.14 -0.63
C LEU B 176 -5.26 -28.44 -0.30
N LEU B 177 -4.30 -28.86 -1.13
CA LEU B 177 -3.54 -30.06 -0.83
C LEU B 177 -2.59 -29.84 0.34
N ASP B 178 -2.14 -28.59 0.55
CA ASP B 178 -1.39 -28.28 1.76
C ASP B 178 -2.22 -28.56 3.01
N GLN B 179 -3.50 -28.19 2.96
CA GLN B 179 -4.39 -28.44 4.10
C GLN B 179 -4.66 -29.94 4.26
N ARG B 180 -4.86 -30.64 3.14
CA ARG B 180 -5.09 -32.08 3.21
C ARG B 180 -3.89 -32.80 3.80
N LEU B 181 -2.67 -32.41 3.39
CA LEU B 181 -1.47 -33.01 3.95
C LEU B 181 -1.38 -32.75 5.45
N ALA B 182 -1.79 -31.56 5.89
CA ALA B 182 -1.82 -31.27 7.31
C ALA B 182 -2.85 -32.14 8.04
N LEU B 183 -3.95 -32.48 7.37
CA LEU B 183 -4.93 -33.38 7.97
C LEU B 183 -4.38 -34.81 8.03
N GLN B 184 -3.64 -35.23 7.00
CA GLN B 184 -2.98 -36.52 7.06
C GLN B 184 -1.92 -36.55 8.17
N TRP B 185 -1.26 -35.42 8.43
CA TRP B 185 -0.31 -35.34 9.52
C TRP B 185 -1.01 -35.50 10.86
N VAL B 186 -2.21 -34.94 11.00
CA VAL B 186 -2.96 -35.08 12.24
C VAL B 186 -3.34 -36.53 12.49
N GLN B 187 -3.74 -37.24 11.42
CA GLN B 187 -4.11 -38.65 11.60
C GLN B 187 -2.93 -39.50 12.03
N GLU B 188 -1.71 -39.11 11.66
CA GLU B 188 -0.53 -39.91 11.96
C GLU B 188 0.21 -39.49 13.21
N ASN B 189 -0.03 -38.28 13.73
CA ASN B 189 0.79 -37.77 14.82
C ASN B 189 0.03 -37.11 15.96
N VAL B 190 -1.26 -36.82 15.83
CA VAL B 190 -1.96 -36.10 16.89
C VAL B 190 -2.11 -36.95 18.14
N ALA B 191 -1.97 -38.28 18.03
CA ALA B 191 -2.04 -39.14 19.21
C ALA B 191 -0.86 -38.89 20.15
N ALA B 192 0.29 -38.48 19.60
CA ALA B 192 1.45 -38.20 20.43
C ALA B 192 1.24 -36.99 21.34
N PHE B 193 0.27 -36.13 21.02
CA PHE B 193 -0.05 -34.96 21.83
C PHE B 193 -1.27 -35.20 22.72
N GLY B 194 -1.79 -36.41 22.74
CA GLY B 194 -2.99 -36.71 23.51
C GLY B 194 -4.29 -36.49 22.77
N GLY B 195 -4.25 -36.39 21.45
CA GLY B 195 -5.43 -36.14 20.65
C GLY B 195 -5.98 -37.42 20.02
N ASP B 196 -7.29 -37.43 19.81
CA ASP B 196 -7.96 -38.59 19.24
C ASP B 196 -8.11 -38.39 17.74
N PRO B 197 -7.41 -39.15 16.91
CA PRO B 197 -7.56 -39.00 15.45
C PRO B 197 -8.91 -39.45 14.91
N THR B 198 -9.73 -40.11 15.73
CA THR B 198 -11.07 -40.50 15.31
C THR B 198 -12.13 -39.46 15.63
N SER B 199 -11.73 -38.31 16.21
CA SER B 199 -12.66 -37.23 16.55
C SER B 199 -12.00 -35.91 16.13
N VAL B 200 -11.93 -35.68 14.83
CA VAL B 200 -11.31 -34.48 14.27
C VAL B 200 -12.43 -33.58 13.73
N THR B 201 -12.46 -32.34 14.22
CA THR B 201 -13.48 -31.37 13.83
C THR B 201 -12.80 -30.19 13.15
N LEU B 202 -13.05 -30.01 11.86
CA LEU B 202 -12.53 -28.86 11.13
C LEU B 202 -13.40 -27.64 11.39
N PHE B 203 -12.76 -26.50 11.62
CA PHE B 203 -13.48 -25.24 11.68
C PHE B 203 -12.63 -24.13 11.08
N GLY B 204 -13.27 -23.30 10.27
CA GLY B 204 -12.59 -22.21 9.60
C GLY B 204 -13.55 -21.07 9.35
N GLU B 205 -12.99 -19.97 8.86
CA GLU B 205 -13.75 -18.74 8.65
C GLU B 205 -13.45 -18.18 7.26
N SER B 206 -14.48 -17.61 6.63
CA SER B 206 -14.39 -17.04 5.29
C SER B 206 -13.83 -18.03 4.28
N ALA B 207 -12.64 -17.73 3.73
CA ALA B 207 -12.01 -18.68 2.82
C ALA B 207 -11.64 -19.98 3.51
N GLY B 208 -11.38 -19.93 4.81
CA GLY B 208 -11.18 -21.15 5.57
C GLY B 208 -12.44 -21.98 5.66
N ALA B 209 -13.59 -21.33 5.82
CA ALA B 209 -14.86 -22.05 5.83
C ALA B 209 -15.13 -22.67 4.46
N ALA B 210 -14.82 -21.93 3.39
CA ALA B 210 -14.95 -22.51 2.05
C ALA B 210 -14.01 -23.69 1.88
N SER B 211 -12.82 -23.61 2.48
CA SER B 211 -11.89 -24.74 2.42
C SER B 211 -12.44 -25.95 3.16
N VAL B 212 -13.04 -25.73 4.33
CA VAL B 212 -13.67 -26.83 5.07
C VAL B 212 -14.77 -27.47 4.24
N GLY B 213 -15.56 -26.66 3.54
CA GLY B 213 -16.61 -27.21 2.71
C GLY B 213 -16.08 -28.00 1.53
N MET B 214 -14.96 -27.56 0.95
CA MET B 214 -14.39 -28.29 -0.17
C MET B 214 -13.79 -29.62 0.25
N HIS B 215 -13.32 -29.71 1.50
CA HIS B 215 -12.86 -31.01 2.00
C HIS B 215 -14.03 -31.95 2.24
N LEU B 216 -15.21 -31.42 2.54
CA LEU B 216 -16.41 -32.25 2.63
C LEU B 216 -16.78 -32.84 1.28
N LEU B 217 -16.50 -32.13 0.20
CA LEU B 217 -16.87 -32.55 -1.15
C LEU B 217 -15.76 -33.30 -1.87
N SER B 218 -14.61 -33.49 -1.23
CA SER B 218 -13.50 -34.22 -1.82
C SER B 218 -13.33 -35.55 -1.12
N PRO B 219 -13.50 -36.67 -1.82
CA PRO B 219 -13.42 -37.99 -1.17
C PRO B 219 -12.09 -38.22 -0.48
N PRO B 220 -10.94 -37.91 -1.10
CA PRO B 220 -9.66 -38.15 -0.40
C PRO B 220 -9.51 -37.35 0.89
N SER B 221 -10.22 -36.24 1.03
CA SER B 221 -10.15 -35.44 2.25
C SER B 221 -11.24 -35.77 3.25
N ARG B 222 -12.37 -36.32 2.80
CA ARG B 222 -13.50 -36.57 3.69
C ARG B 222 -13.15 -37.58 4.77
N GLY B 223 -12.27 -38.53 4.47
CA GLY B 223 -11.89 -39.53 5.44
C GLY B 223 -10.93 -39.08 6.52
N LEU B 224 -10.48 -37.83 6.47
CA LEU B 224 -9.51 -37.31 7.42
C LEU B 224 -10.15 -36.54 8.57
N PHE B 225 -11.46 -36.38 8.55
CA PHE B 225 -12.15 -35.65 9.61
C PHE B 225 -13.58 -36.18 9.73
N HIS B 226 -14.25 -35.77 10.80
CA HIS B 226 -15.58 -36.28 11.12
C HIS B 226 -16.63 -35.20 11.34
N ARG B 227 -16.23 -33.95 11.60
CA ARG B 227 -17.17 -32.86 11.79
C ARG B 227 -16.63 -31.62 11.07
N ALA B 228 -17.52 -30.67 10.85
CA ALA B 228 -17.18 -29.46 10.11
C ALA B 228 -17.90 -28.27 10.71
N VAL B 229 -17.18 -27.14 10.80
CA VAL B 229 -17.75 -25.87 11.24
C VAL B 229 -17.37 -24.82 10.20
N LEU B 230 -18.38 -24.22 9.56
CA LEU B 230 -18.17 -23.22 8.54
C LEU B 230 -18.68 -21.88 9.05
N GLN B 231 -17.76 -20.95 9.29
CA GLN B 231 -18.07 -19.64 9.85
C GLN B 231 -17.94 -18.59 8.75
N SER B 232 -19.08 -18.02 8.34
CA SER B 232 -19.12 -16.91 7.38
C SER B 232 -18.43 -17.28 6.07
N GLY B 233 -18.75 -18.46 5.56
CA GLY B 233 -18.16 -18.91 4.31
C GLY B 233 -18.75 -20.22 3.87
N ALA B 234 -18.64 -20.49 2.57
CA ALA B 234 -19.16 -21.70 1.96
C ALA B 234 -18.42 -21.94 0.66
N PRO B 235 -18.26 -23.20 0.25
CA PRO B 235 -17.56 -23.47 -1.02
C PRO B 235 -18.38 -23.13 -2.25
N ASN B 236 -19.70 -22.96 -2.11
CA ASN B 236 -20.58 -22.70 -3.25
C ASN B 236 -20.78 -21.22 -3.52
N GLY B 237 -19.99 -20.35 -2.91
CA GLY B 237 -20.12 -18.92 -3.12
C GLY B 237 -19.62 -18.50 -4.49
N PRO B 238 -19.97 -17.28 -4.91
CA PRO B 238 -19.52 -16.78 -6.21
C PRO B 238 -18.06 -16.38 -6.25
N TRP B 239 -17.36 -16.44 -5.11
CA TRP B 239 -15.97 -16.02 -5.04
C TRP B 239 -15.00 -17.16 -4.73
N ALA B 240 -15.50 -18.31 -4.26
CA ALA B 240 -14.63 -19.37 -3.79
C ALA B 240 -14.05 -20.22 -4.90
N THR B 241 -14.66 -20.23 -6.08
CA THR B 241 -14.18 -21.07 -7.18
C THR B 241 -14.18 -20.25 -8.48
N VAL B 242 -13.41 -20.76 -9.45
CA VAL B 242 -13.37 -20.20 -10.79
C VAL B 242 -13.31 -21.34 -11.78
N GLY B 243 -13.67 -21.03 -13.03
CA GLY B 243 -13.63 -22.02 -14.09
C GLY B 243 -12.24 -22.23 -14.65
N MET B 244 -12.10 -23.32 -15.41
CA MET B 244 -10.79 -23.63 -16.00
C MET B 244 -10.36 -22.57 -17.00
N GLY B 245 -11.30 -22.06 -17.80
CA GLY B 245 -10.96 -21.05 -18.78
C GLY B 245 -10.53 -19.75 -18.13
N GLU B 246 -11.21 -19.35 -17.06
CA GLU B 246 -10.87 -18.09 -16.39
C GLU B 246 -9.56 -18.23 -15.61
N ALA B 247 -9.34 -19.38 -14.98
CA ALA B 247 -8.09 -19.59 -14.26
C ALA B 247 -6.89 -19.58 -15.19
N ARG B 248 -7.07 -20.06 -16.43
CA ARG B 248 -5.99 -20.01 -17.40
C ARG B 248 -5.72 -18.58 -17.86
N ARG B 249 -6.79 -17.78 -18.01
CA ARG B 249 -6.61 -16.40 -18.42
C ARG B 249 -5.89 -15.58 -17.37
N ARG B 250 -6.22 -15.82 -16.09
CA ARG B 250 -5.57 -15.07 -15.01
C ARG B 250 -4.10 -15.47 -14.86
N ALA B 251 -3.81 -16.76 -14.98
CA ALA B 251 -2.42 -17.21 -14.90
C ALA B 251 -1.59 -16.68 -16.06
N THR B 252 -2.19 -16.64 -17.25
CA THR B 252 -1.47 -16.10 -18.41
C THR B 252 -1.28 -14.60 -18.28
N GLN B 253 -2.27 -13.90 -17.73
CA GLN B 253 -2.15 -12.45 -17.55
C GLN B 253 -1.08 -12.12 -16.51
N LEU B 254 -1.02 -12.89 -15.42
CA LEU B 254 0.03 -12.67 -14.43
C LEU B 254 1.41 -12.91 -15.02
N ALA B 255 1.55 -13.95 -15.85
CA ALA B 255 2.83 -14.21 -16.51
C ALA B 255 3.20 -13.05 -17.43
N HIS B 256 2.23 -12.51 -18.16
CA HIS B 256 2.51 -11.37 -19.04
C HIS B 256 2.96 -10.15 -18.23
N LEU B 257 2.36 -9.93 -17.06
CA LEU B 257 2.71 -8.77 -16.24
C LEU B 257 4.13 -8.86 -15.71
N VAL B 258 4.65 -10.08 -15.53
CA VAL B 258 6.01 -10.27 -15.03
C VAL B 258 6.99 -10.61 -16.16
N GLY B 259 6.60 -10.36 -17.40
CA GLY B 259 7.49 -10.58 -18.53
C GLY B 259 7.64 -12.02 -18.96
N CYS B 260 6.61 -12.84 -18.76
CA CYS B 260 6.64 -14.23 -19.16
C CYS B 260 5.58 -14.50 -20.23
N PRO B 261 5.95 -15.09 -21.38
CA PRO B 261 7.32 -15.49 -21.71
C PRO B 261 8.13 -14.32 -22.27
N PRO B 262 9.46 -14.44 -22.27
CA PRO B 262 10.28 -13.40 -22.90
C PRO B 262 9.90 -13.20 -24.37
N GLY B 263 9.98 -11.96 -24.82
CA GLY B 263 9.56 -11.58 -26.16
C GLY B 263 10.19 -12.41 -27.25
N GLY B 264 9.36 -13.21 -27.93
CA GLY B 264 9.83 -14.09 -28.97
C GLY B 264 9.98 -15.55 -28.59
N THR B 265 9.22 -16.01 -27.59
CA THR B 265 9.31 -17.38 -27.10
C THR B 265 7.92 -17.99 -27.09
N GLY B 266 7.82 -19.27 -27.45
CA GLY B 266 6.55 -19.96 -27.41
C GLY B 266 5.97 -19.98 -26.00
N GLY B 267 4.65 -19.96 -25.92
CA GLY B 267 3.98 -19.85 -24.64
C GLY B 267 3.13 -21.03 -24.25
N ASN B 268 3.67 -22.24 -24.36
CA ASN B 268 2.96 -23.41 -23.86
C ASN B 268 3.03 -23.44 -22.33
N ASP B 269 2.27 -24.36 -21.74
CA ASP B 269 2.16 -24.40 -20.29
C ASP B 269 3.49 -24.71 -19.62
N THR B 270 4.34 -25.52 -20.26
CA THR B 270 5.62 -25.86 -19.66
C THR B 270 6.55 -24.65 -19.63
N GLU B 271 6.70 -23.97 -20.77
CA GLU B 271 7.59 -22.81 -20.83
C GLU B 271 7.04 -21.61 -20.08
N LEU B 272 5.72 -21.57 -19.85
CA LEU B 272 5.14 -20.45 -19.11
C LEU B 272 5.37 -20.59 -17.61
N VAL B 273 5.21 -21.80 -17.07
CA VAL B 273 5.45 -22.01 -15.65
C VAL B 273 6.94 -21.96 -15.34
N ALA B 274 7.78 -22.45 -16.26
CA ALA B 274 9.22 -22.40 -16.07
C ALA B 274 9.70 -20.96 -15.96
N CYS B 275 9.12 -20.06 -16.75
CA CYS B 275 9.46 -18.64 -16.63
C CYS B 275 8.94 -18.06 -15.32
N LEU B 276 7.77 -18.52 -14.87
CA LEU B 276 7.23 -18.03 -13.60
C LEU B 276 8.07 -18.49 -12.41
N ARG B 277 8.66 -19.69 -12.49
CA ARG B 277 9.44 -20.19 -11.37
C ARG B 277 10.76 -19.46 -11.20
N THR B 278 11.21 -18.73 -12.21
CA THR B 278 12.44 -17.95 -12.10
C THR B 278 12.21 -16.57 -11.50
N ARG B 279 10.96 -16.11 -11.45
CA ARG B 279 10.68 -14.79 -10.91
C ARG B 279 10.72 -14.80 -9.39
N PRO B 280 11.22 -13.74 -8.76
CA PRO B 280 11.15 -13.65 -7.30
C PRO B 280 9.71 -13.65 -6.81
N ALA B 281 9.52 -14.20 -5.62
CA ALA B 281 8.16 -14.37 -5.09
C ALA B 281 7.46 -13.04 -4.92
N GLN B 282 8.19 -12.00 -4.51
CA GLN B 282 7.57 -10.70 -4.32
C GLN B 282 7.11 -10.08 -5.63
N VAL B 283 7.77 -10.42 -6.75
CA VAL B 283 7.38 -9.87 -8.04
C VAL B 283 5.99 -10.36 -8.43
N LEU B 284 5.70 -11.65 -8.19
CA LEU B 284 4.39 -12.18 -8.51
C LEU B 284 3.31 -11.57 -7.62
N VAL B 285 3.65 -11.30 -6.35
CA VAL B 285 2.66 -10.74 -5.43
C VAL B 285 2.29 -9.32 -5.85
N ASN B 286 3.27 -8.55 -6.35
CA ASN B 286 3.03 -7.16 -6.69
C ASN B 286 2.11 -6.97 -7.90
N HIS B 287 1.78 -8.05 -8.62
CA HIS B 287 0.90 -7.97 -9.77
C HIS B 287 -0.32 -8.87 -9.62
N GLU B 288 -0.62 -9.31 -8.39
CA GLU B 288 -1.71 -10.27 -8.20
C GLU B 288 -3.07 -9.63 -8.44
N TRP B 289 -3.28 -8.41 -7.96
CA TRP B 289 -4.59 -7.76 -8.07
C TRP B 289 -4.86 -7.22 -9.47
N HIS B 290 -3.88 -7.21 -10.36
CA HIS B 290 -4.03 -6.63 -11.68
C HIS B 290 -4.52 -7.63 -12.72
N VAL B 291 -5.07 -8.78 -12.28
CA VAL B 291 -5.59 -9.79 -13.18
C VAL B 291 -7.09 -10.00 -13.03
N LEU B 292 -7.73 -9.27 -12.13
CA LEU B 292 -9.18 -9.41 -11.98
C LEU B 292 -9.89 -8.84 -13.22
N PRO B 293 -11.00 -9.45 -13.64
CA PRO B 293 -11.63 -9.01 -14.89
C PRO B 293 -12.26 -7.62 -14.81
N GLN B 294 -12.77 -7.22 -13.65
CA GLN B 294 -13.40 -5.92 -13.52
C GLN B 294 -13.26 -5.43 -12.08
N GLU B 295 -13.53 -4.14 -11.88
CA GLU B 295 -13.53 -3.58 -10.54
C GLU B 295 -14.66 -4.20 -9.72
N SER B 296 -14.33 -4.63 -8.50
CA SER B 296 -15.28 -5.35 -7.69
C SER B 296 -14.79 -5.38 -6.24
N VAL B 297 -15.69 -5.83 -5.36
CA VAL B 297 -15.35 -6.19 -3.99
C VAL B 297 -15.73 -7.65 -3.80
N PHE B 298 -15.08 -8.28 -2.82
CA PHE B 298 -15.32 -9.68 -2.48
C PHE B 298 -15.01 -10.61 -3.67
N ARG B 299 -14.00 -10.25 -4.46
CA ARG B 299 -13.51 -11.06 -5.55
C ARG B 299 -11.99 -11.18 -5.45
N PHE B 300 -11.47 -12.37 -5.73
CA PHE B 300 -10.07 -12.66 -5.52
C PHE B 300 -9.49 -13.36 -6.75
N SER B 301 -8.20 -13.12 -6.99
CA SER B 301 -7.58 -13.53 -8.25
C SER B 301 -7.43 -15.04 -8.33
N PHE B 302 -6.67 -15.63 -7.41
CA PHE B 302 -6.32 -17.05 -7.46
C PHE B 302 -7.06 -17.79 -6.36
N VAL B 303 -8.10 -18.51 -6.72
CA VAL B 303 -8.94 -19.27 -5.78
C VAL B 303 -8.99 -20.71 -6.29
N PRO B 304 -9.55 -21.65 -5.52
CA PRO B 304 -9.68 -23.02 -6.04
C PRO B 304 -10.39 -23.07 -7.39
N VAL B 305 -9.96 -23.99 -8.23
CA VAL B 305 -10.45 -24.12 -9.61
C VAL B 305 -11.21 -25.43 -9.73
N VAL B 306 -12.34 -25.38 -10.42
CA VAL B 306 -13.13 -26.58 -10.73
C VAL B 306 -12.42 -27.30 -11.87
N ASP B 307 -11.60 -28.31 -11.52
CA ASP B 307 -10.73 -28.97 -12.48
C ASP B 307 -11.11 -30.42 -12.77
N GLY B 308 -12.01 -31.00 -11.98
CA GLY B 308 -12.32 -32.42 -12.11
C GLY B 308 -11.42 -33.34 -11.32
N ASP B 309 -10.47 -32.79 -10.56
CA ASP B 309 -9.55 -33.60 -9.76
C ASP B 309 -9.90 -33.48 -8.29
N PHE B 310 -9.44 -32.40 -7.64
CA PHE B 310 -9.81 -32.16 -6.25
C PHE B 310 -11.32 -31.97 -6.12
N LEU B 311 -11.92 -31.28 -7.08
CA LEU B 311 -13.37 -31.09 -7.16
C LEU B 311 -13.82 -31.71 -8.49
N SER B 312 -14.39 -32.92 -8.41
CA SER B 312 -14.83 -33.61 -9.61
C SER B 312 -15.91 -32.84 -10.36
N ASP B 313 -16.62 -31.94 -9.69
CA ASP B 313 -17.62 -31.09 -10.31
C ASP B 313 -17.65 -29.77 -9.55
N THR B 314 -18.55 -28.89 -9.96
CA THR B 314 -18.71 -27.63 -9.24
C THR B 314 -19.20 -27.91 -7.83
N PRO B 315 -18.86 -27.05 -6.86
CA PRO B 315 -19.35 -27.27 -5.49
C PRO B 315 -20.86 -27.33 -5.40
N GLU B 316 -21.57 -26.54 -6.21
CA GLU B 316 -23.03 -26.59 -6.20
C GLU B 316 -23.54 -27.96 -6.64
N ALA B 317 -22.92 -28.54 -7.67
CA ALA B 317 -23.36 -29.85 -8.15
C ALA B 317 -23.04 -30.94 -7.13
N LEU B 318 -21.90 -30.85 -6.45
CA LEU B 318 -21.54 -31.87 -5.47
C LEU B 318 -22.40 -31.77 -4.22
N ILE B 319 -22.82 -30.56 -3.85
CA ILE B 319 -23.66 -30.38 -2.67
C ILE B 319 -25.05 -30.94 -2.92
N ASN B 320 -25.58 -30.76 -4.14
CA ASN B 320 -26.92 -31.26 -4.45
C ASN B 320 -26.96 -32.78 -4.50
N ALA B 321 -25.95 -33.39 -5.10
CA ALA B 321 -25.91 -34.83 -5.29
C ALA B 321 -25.19 -35.57 -4.17
N GLY B 322 -24.91 -34.89 -3.05
CA GLY B 322 -24.16 -35.49 -1.98
C GLY B 322 -25.04 -36.10 -0.90
N ASP B 323 -24.56 -37.21 -0.33
CA ASP B 323 -25.21 -37.88 0.79
C ASP B 323 -24.35 -37.65 2.04
N PHE B 324 -24.91 -36.93 3.01
CA PHE B 324 -24.17 -36.50 4.18
C PHE B 324 -24.66 -37.16 5.46
N HIS B 325 -25.11 -38.41 5.38
CA HIS B 325 -25.53 -39.14 6.56
C HIS B 325 -24.32 -39.45 7.44
N GLY B 326 -24.51 -39.30 8.75
CA GLY B 326 -23.43 -39.49 9.69
C GLY B 326 -22.49 -38.31 9.81
N LEU B 327 -22.96 -37.10 9.50
CA LEU B 327 -22.13 -35.90 9.52
C LEU B 327 -22.83 -34.81 10.33
N GLN B 328 -22.08 -34.15 11.20
CA GLN B 328 -22.59 -33.02 11.97
C GLN B 328 -21.87 -31.75 11.51
N VAL B 329 -22.65 -30.72 11.20
CA VAL B 329 -22.11 -29.47 10.68
C VAL B 329 -22.63 -28.32 11.53
N LEU B 330 -21.76 -27.35 11.79
CA LEU B 330 -22.10 -26.12 12.50
C LEU B 330 -21.79 -24.94 11.58
N VAL B 331 -22.84 -24.27 11.10
CA VAL B 331 -22.69 -23.14 10.20
C VAL B 331 -23.23 -21.89 10.87
N GLY B 332 -22.85 -20.74 10.34
CA GLY B 332 -23.31 -19.47 10.88
C GLY B 332 -22.67 -18.32 10.16
N VAL B 333 -23.21 -17.13 10.44
CA VAL B 333 -22.74 -15.88 9.85
C VAL B 333 -22.76 -14.80 10.92
N VAL B 334 -22.15 -13.66 10.62
CA VAL B 334 -22.21 -12.50 11.49
C VAL B 334 -23.37 -11.62 11.04
N LYS B 335 -23.72 -10.62 11.84
CA LYS B 335 -24.90 -9.82 11.55
C LYS B 335 -24.70 -8.94 10.32
N ASP B 336 -23.49 -8.42 10.14
CA ASP B 336 -23.19 -7.49 9.04
C ASP B 336 -22.02 -8.05 8.25
N GLU B 337 -22.33 -8.96 7.33
CA GLU B 337 -21.28 -9.65 6.58
C GLU B 337 -20.62 -8.75 5.55
N GLY B 338 -21.37 -7.82 4.96
CA GLY B 338 -20.87 -7.08 3.81
C GLY B 338 -20.28 -5.71 4.10
N SER B 339 -20.43 -5.22 5.34
CA SER B 339 -20.02 -3.85 5.65
C SER B 339 -18.51 -3.68 5.55
N TYR B 340 -17.74 -4.71 5.90
CA TYR B 340 -16.28 -4.60 5.86
C TYR B 340 -15.77 -4.39 4.44
N PHE B 341 -16.41 -5.02 3.46
CA PHE B 341 -15.91 -5.04 2.10
C PHE B 341 -16.30 -3.81 1.30
N LEU B 342 -17.11 -2.91 1.86
CA LEU B 342 -17.58 -1.76 1.10
C LEU B 342 -16.52 -0.66 1.00
N VAL B 343 -15.58 -0.59 1.93
CA VAL B 343 -14.56 0.44 1.92
C VAL B 343 -13.43 0.04 0.97
N TYR B 344 -13.61 -1.06 0.25
CA TYR B 344 -12.60 -1.58 -0.67
C TYR B 344 -13.00 -1.40 -2.14
N GLY B 345 -13.88 -0.44 -2.44
CA GLY B 345 -14.23 -0.20 -3.82
C GLY B 345 -15.57 0.46 -4.06
N ALA B 346 -16.49 0.35 -3.10
CA ALA B 346 -17.82 0.93 -3.28
C ALA B 346 -17.73 2.46 -3.20
N PRO B 347 -18.34 3.17 -4.15
CA PRO B 347 -18.20 4.64 -4.16
C PRO B 347 -18.88 5.28 -2.96
N GLY B 348 -18.25 6.33 -2.43
CA GLY B 348 -18.80 7.08 -1.33
C GLY B 348 -18.59 6.48 0.05
N PHE B 349 -17.86 5.38 0.16
CA PHE B 349 -17.65 4.70 1.43
C PHE B 349 -16.29 5.04 2.01
N SER B 350 -16.25 5.21 3.33
CA SER B 350 -15.02 5.52 4.05
C SER B 350 -15.22 5.11 5.50
N LYS B 351 -14.20 4.47 6.08
CA LYS B 351 -14.30 4.05 7.47
C LYS B 351 -14.22 5.23 8.44
N ASP B 352 -13.82 6.41 7.97
CA ASP B 352 -13.61 7.57 8.83
C ASP B 352 -14.75 8.56 8.79
N ASN B 353 -15.85 8.24 8.09
CA ASN B 353 -17.07 9.04 8.15
C ASN B 353 -18.26 8.08 8.27
N GLU B 354 -19.45 8.61 8.10
CA GLU B 354 -20.67 7.83 8.25
C GLU B 354 -21.06 7.07 6.98
N SER B 355 -20.39 7.33 5.86
CA SER B 355 -20.64 6.65 4.60
C SER B 355 -22.11 6.78 4.19
N LEU B 356 -22.68 7.96 4.39
CA LEU B 356 -24.05 8.25 3.99
C LEU B 356 -24.07 8.46 2.49
N ILE B 357 -24.18 7.35 1.74
CA ILE B 357 -24.08 7.41 0.30
C ILE B 357 -25.37 7.93 -0.32
N SER B 358 -25.26 8.45 -1.54
CA SER B 358 -26.39 8.97 -2.27
C SER B 358 -27.03 7.84 -3.08
N ARG B 359 -28.14 8.17 -3.76
CA ARG B 359 -28.82 7.18 -4.59
C ARG B 359 -27.94 6.74 -5.76
N ALA B 360 -27.25 7.69 -6.39
CA ALA B 360 -26.38 7.36 -7.51
C ALA B 360 -25.21 6.49 -7.06
N GLU B 361 -24.67 6.75 -5.87
CA GLU B 361 -23.57 5.93 -5.36
C GLU B 361 -24.04 4.52 -5.03
N PHE B 362 -25.28 4.38 -4.56
CA PHE B 362 -25.83 3.04 -4.31
C PHE B 362 -25.98 2.26 -5.61
N LEU B 363 -26.49 2.91 -6.67
CA LEU B 363 -26.67 2.23 -7.95
C LEU B 363 -25.32 1.82 -8.54
N ALA B 364 -24.30 2.65 -8.37
CA ALA B 364 -22.96 2.29 -8.84
C ALA B 364 -22.35 1.20 -7.96
N GLY B 365 -22.60 1.26 -6.65
CA GLY B 365 -22.05 0.26 -5.76
C GLY B 365 -22.58 -1.14 -6.02
N VAL B 366 -23.82 -1.24 -6.50
CA VAL B 366 -24.39 -2.54 -6.81
C VAL B 366 -23.59 -3.23 -7.91
N ARG B 367 -23.15 -2.46 -8.91
CA ARG B 367 -22.34 -3.04 -9.99
C ARG B 367 -20.98 -3.48 -9.48
N VAL B 368 -20.47 -2.84 -8.44
CA VAL B 368 -19.21 -3.27 -7.84
C VAL B 368 -19.43 -4.44 -6.90
N GLY B 369 -20.52 -4.42 -6.13
CA GLY B 369 -20.81 -5.53 -5.24
C GLY B 369 -21.27 -6.78 -5.96
N VAL B 370 -21.94 -6.61 -7.09
CA VAL B 370 -22.36 -7.73 -7.92
C VAL B 370 -21.66 -7.60 -9.28
N PRO B 371 -20.40 -8.00 -9.37
CA PRO B 371 -19.63 -7.69 -10.59
C PRO B 371 -20.03 -8.56 -11.77
N GLN B 372 -20.04 -7.93 -12.95
CA GLN B 372 -20.23 -8.61 -14.24
C GLN B 372 -21.54 -9.40 -14.26
N VAL B 373 -22.64 -8.67 -14.14
CA VAL B 373 -23.97 -9.21 -14.38
C VAL B 373 -24.70 -8.25 -15.31
N SER B 374 -25.73 -8.77 -15.98
CA SER B 374 -26.48 -7.97 -16.93
C SER B 374 -27.14 -6.79 -16.24
N ASP B 375 -27.43 -5.75 -17.02
CA ASP B 375 -28.11 -4.58 -16.49
C ASP B 375 -29.50 -4.95 -15.96
N LEU B 376 -30.16 -5.92 -16.58
CA LEU B 376 -31.44 -6.39 -16.08
C LEU B 376 -31.28 -7.08 -14.72
N ALA B 377 -30.18 -7.83 -14.55
CA ALA B 377 -29.92 -8.46 -13.27
C ALA B 377 -29.66 -7.42 -12.18
N ALA B 378 -28.94 -6.36 -12.53
CA ALA B 378 -28.67 -5.29 -11.56
C ALA B 378 -29.96 -4.58 -11.15
N GLU B 379 -30.88 -4.39 -12.10
CA GLU B 379 -32.17 -3.78 -11.77
C GLU B 379 -32.96 -4.65 -10.80
N ALA B 380 -32.85 -5.97 -10.92
CA ALA B 380 -33.53 -6.86 -9.98
C ALA B 380 -32.93 -6.75 -8.59
N VAL B 381 -31.61 -6.58 -8.50
CA VAL B 381 -30.98 -6.39 -7.21
C VAL B 381 -31.42 -5.10 -6.56
N VAL B 382 -31.48 -4.02 -7.35
CA VAL B 382 -31.94 -2.73 -6.82
C VAL B 382 -33.39 -2.83 -6.37
N LEU B 383 -34.21 -3.57 -7.11
CA LEU B 383 -35.63 -3.69 -6.77
C LEU B 383 -35.81 -4.36 -5.41
N HIS B 384 -35.05 -5.42 -5.14
N HIS B 384 -35.04 -5.42 -5.14
CA HIS B 384 -35.23 -6.16 -3.90
CA HIS B 384 -35.22 -6.18 -3.90
C HIS B 384 -34.64 -5.44 -2.70
C HIS B 384 -34.60 -5.48 -2.70
N TYR B 385 -33.58 -4.65 -2.90
CA TYR B 385 -32.86 -4.01 -1.80
C TYR B 385 -33.13 -2.52 -1.68
N THR B 386 -34.21 -2.03 -2.28
CA THR B 386 -34.60 -0.64 -2.15
C THR B 386 -35.88 -0.54 -1.33
N ASP B 387 -35.85 0.23 -0.25
CA ASP B 387 -37.05 0.59 0.49
C ASP B 387 -37.73 1.69 -0.32
N TRP B 388 -38.78 1.33 -1.06
CA TRP B 388 -39.41 2.28 -1.96
C TRP B 388 -40.26 3.32 -1.24
N LEU B 389 -40.37 3.23 0.08
CA LEU B 389 -40.96 4.31 0.87
C LEU B 389 -39.91 5.34 1.28
N HIS B 390 -38.64 4.96 1.30
CA HIS B 390 -37.53 5.89 1.53
C HIS B 390 -36.40 5.55 0.57
N PRO B 391 -36.64 5.75 -0.74
CA PRO B 391 -35.66 5.28 -1.74
C PRO B 391 -34.39 6.09 -1.81
N GLU B 392 -34.31 7.23 -1.13
CA GLU B 392 -33.14 8.10 -1.19
C GLU B 392 -32.49 8.30 0.18
N ASP B 393 -32.96 7.63 1.21
CA ASP B 393 -32.38 7.78 2.56
C ASP B 393 -30.95 7.24 2.56
N PRO B 394 -29.95 8.09 2.83
CA PRO B 394 -28.56 7.59 2.76
C PRO B 394 -28.26 6.47 3.74
N ALA B 395 -28.80 6.54 4.95
CA ALA B 395 -28.53 5.49 5.94
C ALA B 395 -29.11 4.16 5.50
N ARG B 396 -30.33 4.17 4.96
CA ARG B 396 -30.94 2.93 4.49
C ARG B 396 -30.20 2.38 3.27
N LEU B 397 -29.73 3.27 2.38
CA LEU B 397 -28.97 2.82 1.24
C LEU B 397 -27.63 2.21 1.66
N ARG B 398 -27.00 2.77 2.69
CA ARG B 398 -25.76 2.23 3.20
C ARG B 398 -25.96 0.82 3.75
N GLU B 399 -27.01 0.62 4.55
CA GLU B 399 -27.32 -0.71 5.04
C GLU B 399 -27.81 -1.63 3.93
N ALA B 400 -28.39 -1.07 2.87
CA ALA B 400 -28.88 -1.89 1.77
C ALA B 400 -27.72 -2.50 1.00
N LEU B 401 -26.74 -1.67 0.61
CA LEU B 401 -25.59 -2.18 -0.14
C LEU B 401 -24.77 -3.16 0.71
N SER B 402 -24.73 -2.95 2.02
CA SER B 402 -24.09 -3.91 2.91
C SER B 402 -24.79 -5.26 2.84
N ASP B 403 -26.13 -5.25 2.83
CA ASP B 403 -26.88 -6.49 2.70
C ASP B 403 -26.68 -7.13 1.32
N VAL B 404 -26.52 -6.31 0.28
CA VAL B 404 -26.31 -6.85 -1.06
C VAL B 404 -25.03 -7.68 -1.10
N VAL B 405 -23.92 -7.12 -0.60
CA VAL B 405 -22.65 -7.82 -0.65
C VAL B 405 -22.65 -8.99 0.32
N GLY B 406 -23.23 -8.82 1.51
CA GLY B 406 -23.22 -9.89 2.49
C GLY B 406 -24.06 -11.08 2.08
N ASP B 407 -25.28 -10.82 1.60
CA ASP B 407 -26.16 -11.92 1.20
C ASP B 407 -25.64 -12.62 -0.04
N HIS B 408 -25.15 -11.87 -1.03
CA HIS B 408 -24.70 -12.47 -2.27
C HIS B 408 -23.46 -13.34 -2.08
N ASN B 409 -22.58 -12.97 -1.15
CA ASN B 409 -21.30 -13.66 -0.99
C ASN B 409 -21.26 -14.63 0.17
N VAL B 410 -22.04 -14.40 1.24
CA VAL B 410 -21.89 -15.20 2.45
C VAL B 410 -23.22 -15.82 2.88
N VAL B 411 -24.18 -14.98 3.26
CA VAL B 411 -25.36 -15.45 3.98
C VAL B 411 -26.13 -16.45 3.13
N CYS B 412 -26.38 -16.14 1.87
CA CYS B 412 -27.19 -17.01 1.03
C CYS B 412 -26.43 -18.24 0.56
N PRO B 413 -25.14 -18.15 0.19
CA PRO B 413 -24.39 -19.39 -0.04
C PRO B 413 -24.34 -20.30 1.18
N VAL B 414 -24.28 -19.73 2.39
CA VAL B 414 -24.29 -20.54 3.59
C VAL B 414 -25.66 -21.16 3.82
N ALA B 415 -26.73 -20.36 3.65
CA ALA B 415 -28.08 -20.88 3.82
C ALA B 415 -28.40 -21.94 2.78
N GLN B 416 -27.93 -21.75 1.55
CA GLN B 416 -28.09 -22.77 0.52
C GLN B 416 -27.42 -24.07 0.95
N LEU B 417 -26.18 -23.98 1.45
CA LEU B 417 -25.46 -25.17 1.89
C LEU B 417 -26.13 -25.82 3.10
N ALA B 418 -26.53 -25.01 4.08
CA ALA B 418 -27.13 -25.57 5.29
C ALA B 418 -28.45 -26.29 5.00
N GLY B 419 -29.22 -25.79 4.03
CA GLY B 419 -30.47 -26.46 3.69
C GLY B 419 -30.24 -27.79 3.00
N ARG B 420 -29.32 -27.83 2.04
CA ARG B 420 -29.06 -29.07 1.32
C ARG B 420 -28.40 -30.12 2.23
N LEU B 421 -27.58 -29.68 3.19
CA LEU B 421 -26.94 -30.62 4.11
C LEU B 421 -27.97 -31.28 5.03
N ALA B 422 -28.84 -30.48 5.65
CA ALA B 422 -29.82 -31.02 6.58
C ALA B 422 -30.83 -31.90 5.87
N ALA B 423 -31.22 -31.55 4.65
CA ALA B 423 -32.21 -32.31 3.91
C ALA B 423 -31.62 -33.53 3.22
N GLN B 424 -30.34 -33.83 3.44
CA GLN B 424 -29.70 -34.96 2.77
C GLN B 424 -28.86 -35.79 3.74
N GLY B 425 -29.20 -35.76 5.04
CA GLY B 425 -28.66 -36.68 6.02
C GLY B 425 -27.91 -36.01 7.16
N ALA B 426 -27.29 -34.86 6.90
CA ALA B 426 -26.44 -34.23 7.89
C ALA B 426 -27.26 -33.54 8.97
N ARG B 427 -26.72 -33.54 10.19
CA ARG B 427 -27.28 -32.76 11.29
C ARG B 427 -26.60 -31.40 11.31
N VAL B 428 -27.38 -30.34 11.15
CA VAL B 428 -26.86 -28.99 10.97
C VAL B 428 -27.33 -28.12 12.12
N TYR B 429 -26.41 -27.31 12.66
CA TYR B 429 -26.72 -26.27 13.63
C TYR B 429 -26.32 -24.93 13.04
N ALA B 430 -27.20 -23.95 13.14
CA ALA B 430 -26.97 -22.63 12.56
C ALA B 430 -27.01 -21.56 13.64
N TYR B 431 -26.24 -20.49 13.43
CA TYR B 431 -26.18 -19.38 14.37
C TYR B 431 -26.06 -18.07 13.59
N VAL B 432 -26.29 -16.97 14.30
CA VAL B 432 -26.02 -15.62 13.78
C VAL B 432 -25.36 -14.82 14.91
N PHE B 433 -24.12 -14.39 14.67
CA PHE B 433 -23.37 -13.66 15.67
C PHE B 433 -23.75 -12.18 15.64
N GLU B 434 -24.28 -11.67 16.75
CA GLU B 434 -24.84 -10.33 16.78
C GLU B 434 -24.23 -9.45 17.87
N HIS B 435 -23.03 -9.77 18.34
CA HIS B 435 -22.37 -8.98 19.37
C HIS B 435 -21.20 -8.22 18.75
N ARG B 436 -21.24 -6.89 18.87
CA ARG B 436 -20.13 -6.04 18.45
C ARG B 436 -19.18 -5.88 19.63
N ALA B 437 -17.91 -6.24 19.43
CA ALA B 437 -16.93 -6.16 20.49
C ALA B 437 -16.77 -4.73 20.97
N SER B 438 -16.60 -4.56 22.29
CA SER B 438 -16.44 -3.24 22.87
C SER B 438 -15.14 -2.58 22.46
N THR B 439 -14.16 -3.35 21.99
CA THR B 439 -12.87 -2.84 21.59
C THR B 439 -12.72 -2.76 20.07
N LEU B 440 -13.81 -2.89 19.33
CA LEU B 440 -13.74 -2.89 17.87
C LEU B 440 -13.31 -1.51 17.36
N SER B 441 -12.31 -1.51 16.48
CA SER B 441 -11.77 -0.26 15.94
C SER B 441 -12.48 0.21 14.68
N TRP B 442 -13.23 -0.67 14.02
CA TRP B 442 -13.99 -0.27 12.84
C TRP B 442 -15.13 0.66 13.24
N PRO B 443 -15.59 1.51 12.32
CA PRO B 443 -16.64 2.47 12.65
C PRO B 443 -17.92 1.78 13.09
N LEU B 444 -18.79 2.57 13.75
CA LEU B 444 -20.00 2.02 14.33
C LEU B 444 -21.00 1.59 13.25
N TRP B 445 -21.00 2.25 12.09
CA TRP B 445 -21.99 1.92 11.06
C TRP B 445 -21.75 0.55 10.44
N MET B 446 -20.56 -0.03 10.62
CA MET B 446 -20.31 -1.38 10.15
C MET B 446 -20.95 -2.45 11.03
N GLY B 447 -21.36 -2.10 12.24
CA GLY B 447 -22.10 -3.06 13.05
C GLY B 447 -21.19 -4.16 13.52
N VAL B 448 -21.56 -5.40 13.19
CA VAL B 448 -20.76 -6.59 13.51
C VAL B 448 -20.11 -7.05 12.21
N PRO B 449 -18.89 -6.60 11.90
CA PRO B 449 -18.32 -6.86 10.59
C PRO B 449 -17.89 -8.32 10.44
N HIS B 450 -17.61 -8.68 9.19
CA HIS B 450 -17.14 -10.01 8.86
C HIS B 450 -15.78 -10.27 9.50
N GLY B 451 -15.67 -11.38 10.22
CA GLY B 451 -14.42 -11.82 10.80
C GLY B 451 -14.25 -11.54 12.28
N TYR B 452 -15.18 -10.81 12.89
CA TYR B 452 -15.02 -10.36 14.28
C TYR B 452 -15.86 -11.17 15.26
N GLU B 453 -16.17 -12.42 14.91
CA GLU B 453 -16.58 -13.42 15.89
C GLU B 453 -15.44 -14.36 16.25
N ILE B 454 -14.34 -14.30 15.51
CA ILE B 454 -13.22 -15.22 15.72
C ILE B 454 -12.58 -14.99 17.09
N GLU B 455 -12.41 -13.72 17.47
CA GLU B 455 -11.75 -13.41 18.73
C GLU B 455 -12.52 -13.95 19.94
N PHE B 456 -13.83 -14.13 19.80
CA PHE B 456 -14.62 -14.69 20.90
C PHE B 456 -14.59 -16.22 20.89
N ILE B 457 -14.44 -16.83 19.71
CA ILE B 457 -14.34 -18.28 19.64
C ILE B 457 -13.02 -18.76 20.24
N PHE B 458 -11.95 -17.98 20.08
CA PHE B 458 -10.64 -18.33 20.59
C PHE B 458 -10.38 -17.80 22.01
N GLY B 459 -11.39 -17.25 22.66
CA GLY B 459 -11.23 -16.79 24.03
C GLY B 459 -10.28 -15.63 24.20
N ILE B 460 -10.10 -14.80 23.16
CA ILE B 460 -9.21 -13.64 23.28
C ILE B 460 -9.62 -12.69 24.40
N PRO B 461 -10.92 -12.46 24.69
CA PRO B 461 -11.27 -11.60 25.83
C PRO B 461 -10.66 -12.03 27.16
N LEU B 462 -10.23 -13.29 27.26
CA LEU B 462 -9.60 -13.76 28.49
C LEU B 462 -8.16 -13.27 28.65
N ASP B 463 -7.58 -12.66 27.62
CA ASP B 463 -6.23 -12.14 27.70
C ASP B 463 -6.19 -10.96 28.69
N PRO B 464 -5.39 -11.04 29.75
CA PRO B 464 -5.35 -9.93 30.72
C PRO B 464 -4.84 -8.62 30.15
N SER B 465 -4.06 -8.65 29.06
CA SER B 465 -3.51 -7.45 28.48
C SER B 465 -4.50 -6.72 27.56
N ARG B 466 -5.76 -7.15 27.53
CA ARG B 466 -6.77 -6.53 26.69
C ARG B 466 -7.84 -5.89 27.55
N ASN B 467 -8.65 -5.02 26.93
CA ASN B 467 -9.64 -4.25 27.68
C ASN B 467 -11.06 -4.72 27.34
N TYR B 468 -11.29 -6.03 27.37
CA TYR B 468 -12.64 -6.55 27.20
C TYR B 468 -13.41 -6.45 28.52
N THR B 469 -14.72 -6.33 28.40
CA THR B 469 -15.57 -6.20 29.56
C THR B 469 -15.76 -7.55 30.26
N ALA B 470 -16.37 -7.51 31.44
CA ALA B 470 -16.62 -8.74 32.19
C ALA B 470 -17.68 -9.60 31.52
N GLU B 471 -18.68 -8.98 30.88
CA GLU B 471 -19.70 -9.75 30.18
C GLU B 471 -19.11 -10.48 28.98
N GLU B 472 -18.17 -9.83 28.28
CA GLU B 472 -17.57 -10.44 27.10
C GLU B 472 -16.70 -11.63 27.46
N LYS B 473 -16.12 -11.64 28.66
CA LYS B 473 -15.35 -12.80 29.10
C LYS B 473 -16.27 -13.99 29.36
N ILE B 474 -17.41 -13.76 30.01
CA ILE B 474 -18.38 -14.83 30.21
C ILE B 474 -18.97 -15.26 28.86
N PHE B 475 -19.24 -14.31 27.98
CA PHE B 475 -19.78 -14.63 26.67
C PHE B 475 -18.79 -15.43 25.83
N ALA B 476 -17.48 -15.15 25.98
CA ALA B 476 -16.48 -15.92 25.25
C ALA B 476 -16.40 -17.35 25.75
N GLN B 477 -16.58 -17.56 27.06
CA GLN B 477 -16.55 -18.91 27.60
C GLN B 477 -17.76 -19.73 27.16
N ARG B 478 -18.90 -19.08 26.94
CA ARG B 478 -20.06 -19.78 26.39
C ARG B 478 -19.77 -20.30 24.99
N LEU B 479 -19.20 -19.44 24.14
CA LEU B 479 -18.94 -19.84 22.75
C LEU B 479 -17.90 -20.95 22.68
N MET B 480 -16.85 -20.86 23.50
CA MET B 480 -15.87 -21.94 23.56
C MET B 480 -16.51 -23.24 24.03
N ARG B 481 -17.49 -23.14 24.94
CA ARG B 481 -18.24 -24.32 25.35
C ARG B 481 -19.06 -24.88 24.20
N TYR B 482 -19.71 -24.00 23.43
CA TYR B 482 -20.50 -24.45 22.29
C TYR B 482 -19.63 -25.18 21.27
N TRP B 483 -18.50 -24.56 20.89
CA TRP B 483 -17.64 -25.15 19.88
C TRP B 483 -17.03 -26.47 20.36
N ALA B 484 -16.64 -26.53 21.63
CA ALA B 484 -16.03 -27.75 22.15
C ALA B 484 -17.05 -28.87 22.26
N ASN B 485 -18.25 -28.57 22.75
CA ASN B 485 -19.30 -29.59 22.84
C ASN B 485 -19.62 -30.16 21.47
N PHE B 486 -19.64 -29.31 20.43
CA PHE B 486 -19.86 -29.82 19.08
C PHE B 486 -18.67 -30.67 18.63
N ALA B 487 -17.45 -30.29 19.03
CA ALA B 487 -16.29 -31.09 18.67
C ALA B 487 -16.29 -32.44 19.40
N ARG B 488 -16.81 -32.47 20.63
CA ARG B 488 -16.81 -33.70 21.41
C ARG B 488 -17.95 -34.62 21.00
N THR B 489 -19.18 -34.09 20.96
CA THR B 489 -20.37 -34.92 20.78
C THR B 489 -21.10 -34.68 19.47
N GLY B 490 -20.72 -33.67 18.69
CA GLY B 490 -21.50 -33.29 17.54
C GLY B 490 -22.73 -32.48 17.85
N ASP B 491 -22.85 -31.98 19.08
CA ASP B 491 -24.02 -31.23 19.53
C ASP B 491 -23.54 -30.06 20.40
N PRO B 492 -23.81 -28.82 20.01
CA PRO B 492 -23.33 -27.68 20.80
C PRO B 492 -23.99 -27.56 22.16
N ASN B 493 -25.13 -28.22 22.37
CA ASN B 493 -25.80 -28.15 23.67
C ASN B 493 -25.04 -28.94 24.71
N GLU B 494 -24.98 -28.39 25.93
CA GLU B 494 -24.32 -29.07 27.03
C GLU B 494 -25.13 -30.30 27.43
N PRO B 495 -24.56 -31.51 27.33
CA PRO B 495 -25.36 -32.72 27.59
C PRO B 495 -25.77 -32.89 29.05
N ARG B 496 -25.25 -32.08 29.96
CA ARG B 496 -25.59 -32.19 31.38
C ARG B 496 -26.57 -31.12 31.84
N ASP B 497 -26.89 -30.13 31.00
CA ASP B 497 -27.63 -28.95 31.43
C ASP B 497 -28.92 -28.78 30.62
N PRO B 498 -30.07 -29.15 31.18
CA PRO B 498 -31.35 -28.77 30.54
C PRO B 498 -31.82 -27.38 30.91
N LYS B 499 -31.16 -26.71 31.88
CA LYS B 499 -31.56 -25.36 32.25
C LYS B 499 -31.27 -24.37 31.14
N ALA B 500 -30.12 -24.50 30.49
CA ALA B 500 -29.73 -23.55 29.46
C ALA B 500 -30.69 -23.62 28.28
N PRO B 501 -30.94 -22.50 27.61
CA PRO B 501 -31.81 -22.53 26.42
C PRO B 501 -31.22 -23.42 25.34
N GLN B 502 -32.06 -24.29 24.79
CA GLN B 502 -31.58 -25.31 23.87
C GLN B 502 -31.36 -24.74 22.47
N TRP B 503 -30.35 -25.29 21.79
CA TRP B 503 -30.00 -24.92 20.43
C TRP B 503 -30.63 -25.95 19.49
N PRO B 504 -31.74 -25.65 18.83
CA PRO B 504 -32.38 -26.66 17.99
C PRO B 504 -31.61 -26.83 16.70
N PRO B 505 -31.62 -28.03 16.12
CA PRO B 505 -30.92 -28.24 14.84
C PRO B 505 -31.57 -27.46 13.72
N TYR B 506 -30.79 -27.24 12.67
CA TYR B 506 -31.26 -26.54 11.48
C TYR B 506 -31.81 -27.56 10.48
N THR B 507 -33.05 -27.32 10.03
CA THR B 507 -33.70 -28.17 9.06
C THR B 507 -34.10 -27.34 7.83
N ALA B 508 -34.29 -28.04 6.71
CA ALA B 508 -34.69 -27.35 5.49
C ALA B 508 -36.10 -26.78 5.57
N GLY B 509 -36.92 -27.26 6.49
CA GLY B 509 -38.28 -26.77 6.64
C GLY B 509 -38.42 -25.69 7.69
N ALA B 510 -38.03 -26.01 8.93
CA ALA B 510 -38.16 -25.04 10.01
C ALA B 510 -37.14 -23.92 9.90
N GLN B 511 -35.91 -24.26 9.46
CA GLN B 511 -34.84 -23.28 9.27
C GLN B 511 -34.54 -22.53 10.56
N GLN B 512 -34.43 -23.26 11.65
CA GLN B 512 -34.21 -22.66 12.96
C GLN B 512 -32.73 -22.36 13.18
N TYR B 513 -32.46 -21.21 13.80
CA TYR B 513 -31.11 -20.85 14.18
C TYR B 513 -31.18 -20.05 15.48
N VAL B 514 -30.02 -19.85 16.10
CA VAL B 514 -29.95 -19.11 17.35
C VAL B 514 -29.08 -17.88 17.15
N SER B 515 -29.30 -16.89 18.00
CA SER B 515 -28.51 -15.66 17.99
C SER B 515 -27.47 -15.73 19.10
N LEU B 516 -26.23 -15.38 18.77
CA LEU B 516 -25.11 -15.42 19.71
C LEU B 516 -24.78 -13.99 20.11
N ASP B 517 -25.12 -13.63 21.35
CA ASP B 517 -24.79 -12.33 21.91
C ASP B 517 -24.77 -12.47 23.44
N LEU B 518 -24.71 -11.32 24.12
CA LEU B 518 -24.63 -11.35 25.59
C LEU B 518 -25.90 -11.93 26.20
N ARG B 519 -27.03 -11.81 25.52
CA ARG B 519 -28.27 -12.38 26.02
C ARG B 519 -28.27 -13.90 25.84
N PRO B 520 -29.12 -14.61 26.58
CA PRO B 520 -29.23 -16.06 26.37
C PRO B 520 -29.69 -16.38 24.96
N LEU B 521 -29.60 -17.67 24.63
CA LEU B 521 -29.93 -18.12 23.28
C LEU B 521 -31.39 -17.79 22.94
N GLU B 522 -31.60 -17.36 21.71
CA GLU B 522 -32.92 -17.02 21.19
C GLU B 522 -33.10 -17.69 19.84
N VAL B 523 -34.16 -18.48 19.69
CA VAL B 523 -34.41 -19.24 18.48
C VAL B 523 -35.16 -18.38 17.49
N ARG B 524 -34.67 -18.33 16.25
CA ARG B 524 -35.32 -17.63 15.15
C ARG B 524 -35.39 -18.55 13.95
N ARG B 525 -36.18 -18.16 12.96
CA ARG B 525 -36.41 -19.00 11.78
C ARG B 525 -36.08 -18.22 10.52
N GLY B 526 -35.29 -18.84 9.64
CA GLY B 526 -34.99 -18.25 8.35
C GLY B 526 -33.73 -17.41 8.31
N LEU B 527 -32.71 -17.89 7.59
CA LEU B 527 -31.48 -17.12 7.37
C LEU B 527 -31.70 -16.19 6.18
N ARG B 528 -32.49 -15.15 6.41
CA ARG B 528 -32.89 -14.20 5.38
C ARG B 528 -33.52 -14.94 4.19
N ALA B 529 -34.65 -15.58 4.47
CA ALA B 529 -35.28 -16.46 3.48
C ALA B 529 -35.74 -15.68 2.25
N GLN B 530 -36.33 -14.51 2.45
CA GLN B 530 -36.82 -13.73 1.33
C GLN B 530 -35.68 -13.21 0.46
N ALA B 531 -34.61 -12.73 1.09
CA ALA B 531 -33.47 -12.22 0.32
C ALA B 531 -32.73 -13.35 -0.38
N CYS B 532 -32.58 -14.49 0.27
CA CYS B 532 -31.81 -15.58 -0.31
C CYS B 532 -32.60 -16.37 -1.34
N ALA B 533 -33.93 -16.26 -1.34
CA ALA B 533 -34.70 -16.84 -2.44
C ALA B 533 -34.45 -16.09 -3.74
N PHE B 534 -34.16 -14.79 -3.65
CA PHE B 534 -33.82 -14.01 -4.85
C PHE B 534 -32.48 -14.45 -5.42
N TRP B 535 -31.48 -14.66 -4.57
CA TRP B 535 -30.15 -15.01 -5.05
C TRP B 535 -30.09 -16.48 -5.49
N ASN B 536 -30.72 -17.38 -4.75
CA ASN B 536 -30.55 -18.81 -5.00
C ASN B 536 -31.55 -19.37 -6.00
N ARG B 537 -32.72 -18.74 -6.15
CA ARG B 537 -33.77 -19.29 -7.01
C ARG B 537 -34.02 -18.45 -8.26
N PHE B 538 -34.27 -17.15 -8.10
CA PHE B 538 -34.72 -16.36 -9.24
C PHE B 538 -33.57 -15.85 -10.09
N LEU B 539 -32.55 -15.27 -9.45
CA LEU B 539 -31.46 -14.67 -10.20
C LEU B 539 -30.76 -15.62 -11.16
N PRO B 540 -30.54 -16.91 -10.83
CA PRO B 540 -30.01 -17.82 -11.85
C PRO B 540 -30.93 -17.95 -13.06
N LYS B 541 -32.25 -17.97 -12.85
CA LYS B 541 -33.17 -18.02 -13.98
C LYS B 541 -33.13 -16.73 -14.79
N LEU B 542 -32.92 -15.59 -14.14
CA LEU B 542 -32.84 -14.32 -14.86
C LEU B 542 -31.60 -14.25 -15.74
N LEU B 543 -30.53 -14.94 -15.36
CA LEU B 543 -29.33 -15.00 -16.18
C LEU B 543 -29.39 -16.06 -17.26
N SER B 544 -30.11 -17.17 -17.01
CA SER B 544 -30.26 -18.20 -18.03
C SER B 544 -31.01 -17.66 -19.24
N ALA B 545 -32.02 -16.81 -19.01
CA ALA B 545 -32.70 -16.12 -20.11
C ALA B 545 -31.96 -14.86 -20.54
N THR B 546 -30.96 -14.43 -19.78
CA THR B 546 -30.15 -13.25 -20.10
C THR B 546 -31.02 -12.00 -20.31
#